data_6HND
#
_entry.id   6HND
#
_cell.length_a   75.377
_cell.length_b   89.285
_cell.length_c   161.908
_cell.angle_alpha   90.00
_cell.angle_beta   90.00
_cell.angle_gamma   90.00
#
_symmetry.space_group_name_H-M   'P 21 21 21'
#
loop_
_entity.id
_entity.type
_entity.pdbx_description
1 polymer 'Aromatic-amino-acid:2-oxoglutarate transaminase'
2 non-polymer "PYRIDOXAL-5'-PHOSPHATE"
3 non-polymer (4S)-2-METHYL-2,4-PENTANEDIOL
4 non-polymer 'POTASSIUM ION'
5 water water
#
_entity_poly.entity_id   1
_entity_poly.type   'polypeptide(L)'
_entity_poly.pdbx_seq_one_letter_code
;MSDPTHLISKRAAGRTSVHFTNAPSDKPPANFKPHEKPLALSYGMPNHGFFPIDSIDVNLVDYPFQKITTPSTTSSTAEE
EPPSSSLNGSENGHQTKTPPSSIHTPQSTVHISRHTTDPKLIDLARGLQYAAVEGHAPLLQFARDFIIRTHKPNYDDWNV
FITTGASDGLNKAADVFLDDGDVILVEEFTFSPFLRFSDNAGAKAVPVKINFDNDSDGIDLTQFVDLLENWEKHYPNLPK
PKALYTIATGQNPTGFTQSLEFRKKIYDLAVKYDFAIIEDDPYGYLTLPKYEKPNIGGSGSGNNELKNDLEIDDYLKNHL
TPSYLELDTTGRVLRVETFSKLFAPGLRLGFIVGHKEVIDAVKNYSDVVNRGASGLTQTIVNNVIQENFKGVDGWLEWIL
KMRLNYSYRKDLLLYSIFESQAYKKGYVDVIDPKAGMFVTFKINLPKDVDVLQKMKLLLWKLISYGILVVPGYNMTVDLE
FSKDRSNFFRLCYALANNDEEILESGKRLTDAVYEFFSNGLEFHHHHHH
;
_entity_poly.pdbx_strand_id   A,B
#
# COMPACT_ATOMS: atom_id res chain seq x y z
N SER A 2 -2.84 -9.67 32.17
CA SER A 2 -2.45 -10.57 31.05
C SER A 2 -2.36 -9.77 29.74
N ASP A 3 -2.04 -10.46 28.64
CA ASP A 3 -1.68 -9.83 27.34
C ASP A 3 -2.01 -10.81 26.23
N PRO A 4 -2.07 -10.32 24.97
CA PRO A 4 -2.56 -11.12 23.85
C PRO A 4 -1.48 -11.93 23.13
N THR A 5 -0.31 -12.08 23.74
CA THR A 5 0.85 -12.78 23.11
C THR A 5 0.39 -14.12 22.53
N HIS A 6 -0.38 -14.92 23.27
CA HIS A 6 -0.79 -16.28 22.83
C HIS A 6 -1.73 -16.21 21.61
N LEU A 7 -2.31 -15.03 21.36
CA LEU A 7 -3.32 -14.85 20.29
C LEU A 7 -2.63 -14.54 18.94
N ILE A 8 -1.41 -14.01 18.97
CA ILE A 8 -0.62 -13.66 17.74
C ILE A 8 -0.25 -14.95 17.00
N SER A 9 -0.50 -14.98 15.70
CA SER A 9 -0.29 -16.13 14.79
C SER A 9 1.19 -16.46 14.81
N LYS A 10 1.53 -17.75 14.71
CA LYS A 10 2.93 -18.25 14.58
C LYS A 10 3.57 -17.57 13.37
N ARG A 11 2.84 -17.53 12.25
CA ARG A 11 3.30 -16.86 11.02
C ARG A 11 3.75 -15.45 11.39
N ALA A 12 2.91 -14.63 12.02
CA ALA A 12 3.23 -13.20 12.22
C ALA A 12 4.32 -13.07 13.28
N ALA A 13 4.30 -13.91 14.32
CA ALA A 13 5.29 -13.91 15.43
C ALA A 13 6.68 -14.31 14.92
N GLY A 14 6.74 -15.15 13.89
CA GLY A 14 7.99 -15.70 13.31
C GLY A 14 8.75 -14.67 12.45
N ARG A 15 8.08 -13.63 11.94
CA ARG A 15 8.74 -12.63 11.08
C ARG A 15 9.76 -11.89 11.94
N THR A 16 10.95 -11.64 11.42
CA THR A 16 12.05 -10.94 12.14
C THR A 16 11.99 -9.45 11.81
N SER A 17 12.76 -8.62 12.51
CA SER A 17 12.66 -7.14 12.52
C SER A 17 13.77 -6.48 11.67
N VAL A 18 13.88 -5.15 11.78
CA VAL A 18 14.68 -4.26 10.88
C VAL A 18 15.66 -3.44 11.73
N ASP A 26 28.57 -6.31 16.85
CA ASP A 26 29.74 -6.86 17.59
C ASP A 26 30.19 -5.81 18.63
N LYS A 27 31.16 -6.14 19.48
CA LYS A 27 31.55 -5.35 20.69
C LYS A 27 32.43 -4.18 20.29
N PRO A 28 32.07 -2.93 20.63
CA PRO A 28 32.90 -1.78 20.28
C PRO A 28 34.32 -1.90 20.83
N PRO A 29 35.35 -1.44 20.09
CA PRO A 29 36.72 -1.48 20.59
C PRO A 29 36.88 -0.51 21.76
N ALA A 30 37.96 -0.67 22.52
CA ALA A 30 38.20 -0.03 23.83
C ALA A 30 37.87 1.48 23.78
N ASN A 31 38.65 2.25 23.02
CA ASN A 31 38.69 3.73 23.17
C ASN A 31 37.85 4.38 22.07
N PHE A 32 36.61 3.90 21.92
CA PHE A 32 35.70 4.25 20.81
C PHE A 32 34.76 5.37 21.24
N LYS A 33 34.99 6.58 20.77
CA LYS A 33 34.02 7.67 20.86
C LYS A 33 33.44 7.86 19.46
N PRO A 34 32.10 7.82 19.28
CA PRO A 34 31.52 8.25 18.02
C PRO A 34 31.92 9.71 17.77
N HIS A 35 31.72 10.17 16.54
CA HIS A 35 31.93 11.59 16.15
C HIS A 35 30.67 12.35 16.50
N GLU A 36 30.83 13.62 16.87
CA GLU A 36 29.74 14.48 17.40
C GLU A 36 28.70 14.69 16.27
N LYS A 37 29.19 15.02 15.06
CA LYS A 37 28.36 15.36 13.87
C LYS A 37 28.83 14.51 12.70
N PRO A 38 28.33 13.26 12.56
CA PRO A 38 28.72 12.40 11.45
C PRO A 38 28.06 12.89 10.16
N LEU A 39 28.74 12.65 9.02
CA LEU A 39 28.18 12.77 7.64
C LEU A 39 27.82 11.37 7.12
N ALA A 40 26.76 11.27 6.33
CA ALA A 40 26.21 10.01 5.80
C ALA A 40 26.57 9.87 4.31
N LEU A 41 27.28 8.79 3.97
CA LEU A 41 27.31 8.17 2.63
C LEU A 41 26.58 6.82 2.68
N SER A 42 25.69 6.62 3.66
CA SER A 42 25.11 5.29 3.95
C SER A 42 23.77 5.14 3.24
N TYR A 43 22.75 5.89 3.66
CA TYR A 43 21.33 5.69 3.29
C TYR A 43 21.16 6.05 1.80
N GLY A 44 20.62 5.14 1.02
CA GLY A 44 20.37 5.33 -0.43
C GLY A 44 19.13 6.16 -0.69
N MET A 45 19.20 7.47 -0.54
CA MET A 45 18.01 8.35 -0.67
C MET A 45 18.38 9.77 -1.09
N PRO A 46 17.62 10.34 -2.03
CA PRO A 46 17.88 11.68 -2.53
C PRO A 46 17.70 12.74 -1.44
N ASN A 47 18.64 13.67 -1.37
CA ASN A 47 18.45 14.95 -0.65
C ASN A 47 17.11 15.57 -1.10
N HIS A 48 16.34 16.17 -0.20
CA HIS A 48 15.07 16.87 -0.55
C HIS A 48 15.24 17.93 -1.65
N GLY A 49 16.47 18.40 -1.92
CA GLY A 49 16.71 19.34 -3.03
C GLY A 49 16.34 18.76 -4.39
N PHE A 50 16.36 17.44 -4.53
CA PHE A 50 16.01 16.74 -5.78
C PHE A 50 14.49 16.69 -5.98
N PHE A 51 13.67 16.96 -4.95
CA PHE A 51 12.18 16.81 -5.05
C PHE A 51 11.58 17.92 -5.92
N PRO A 52 10.78 17.55 -6.95
CA PRO A 52 10.15 18.54 -7.84
C PRO A 52 9.20 19.53 -7.13
N ILE A 53 8.65 19.14 -5.96
CA ILE A 53 7.59 19.91 -5.26
C ILE A 53 8.23 20.71 -4.13
N ASP A 54 8.04 22.03 -4.16
CA ASP A 54 8.60 22.98 -3.16
C ASP A 54 7.56 23.25 -2.07
N SER A 55 6.29 23.37 -2.43
CA SER A 55 5.20 23.66 -1.47
C SER A 55 3.85 23.24 -2.06
N ILE A 56 2.85 23.11 -1.20
CA ILE A 56 1.49 22.68 -1.60
C ILE A 56 0.47 23.50 -0.82
N ASP A 57 -0.49 24.06 -1.54
CA ASP A 57 -1.69 24.70 -0.96
C ASP A 57 -2.86 23.73 -1.17
N VAL A 58 -3.47 23.32 -0.05
CA VAL A 58 -4.69 22.48 -0.04
C VAL A 58 -5.86 23.40 0.31
N ASN A 59 -6.82 23.54 -0.60
CA ASN A 59 -7.96 24.49 -0.53
C ASN A 59 -9.24 23.70 -0.16
N LEU A 60 -9.86 24.06 0.96
CA LEU A 60 -10.89 23.24 1.64
C LEU A 60 -12.30 23.85 1.49
N VAL A 61 -13.32 23.00 1.63
CA VAL A 61 -14.73 23.42 1.85
C VAL A 61 -14.95 23.58 3.37
N ASP A 62 -15.91 24.42 3.76
CA ASP A 62 -16.25 24.66 5.19
C ASP A 62 -17.33 23.67 5.61
N TYR A 63 -18.06 23.10 4.65
CA TYR A 63 -19.13 22.11 4.93
C TYR A 63 -19.33 21.25 3.67
N PRO A 64 -19.75 19.98 3.87
CA PRO A 64 -20.09 19.10 2.75
C PRO A 64 -21.02 19.78 1.77
N PHE A 65 -20.78 19.61 0.47
CA PHE A 65 -21.66 20.11 -0.63
C PHE A 65 -21.53 21.62 -0.82
N GLN A 66 -20.72 22.33 -0.01
CA GLN A 66 -20.39 23.76 -0.26
C GLN A 66 -19.92 23.94 -1.71
N LYS A 67 -20.40 25.01 -2.36
CA LYS A 67 -20.09 25.41 -3.76
C LYS A 67 -19.13 26.60 -3.73
N ILE A 68 -17.92 26.48 -4.31
CA ILE A 68 -17.01 27.64 -4.61
C ILE A 68 -17.12 27.97 -6.11
N THR A 105 -14.09 37.13 3.46
CA THR A 105 -14.23 35.74 3.98
C THR A 105 -13.56 34.78 2.98
N PRO A 106 -12.21 34.71 2.98
CA PRO A 106 -11.49 33.93 1.96
C PRO A 106 -11.57 32.42 2.20
N GLN A 107 -11.49 31.64 1.12
CA GLN A 107 -11.56 30.16 1.16
C GLN A 107 -10.55 29.66 2.20
N SER A 108 -10.94 28.69 3.03
CA SER A 108 -10.02 28.04 4.00
C SER A 108 -8.95 27.29 3.21
N THR A 109 -7.69 27.43 3.60
CA THR A 109 -6.54 26.86 2.86
C THR A 109 -5.43 26.49 3.87
N VAL A 110 -4.56 25.57 3.48
CA VAL A 110 -3.42 25.11 4.30
C VAL A 110 -2.18 25.16 3.42
N HIS A 111 -1.18 25.95 3.81
CA HIS A 111 0.14 25.99 3.15
C HIS A 111 0.99 24.89 3.77
N ILE A 112 1.47 23.98 2.95
CA ILE A 112 2.43 22.93 3.37
C ILE A 112 3.78 23.34 2.77
N SER A 113 4.73 23.67 3.63
CA SER A 113 6.05 24.21 3.22
C SER A 113 7.09 23.08 3.22
N ARG A 114 8.28 23.33 2.66
CA ARG A 114 9.42 22.39 2.62
C ARG A 114 9.87 22.06 4.06
N HIS A 115 9.88 23.07 4.93
CA HIS A 115 10.38 22.96 6.34
C HIS A 115 9.36 23.54 7.31
N THR A 116 9.26 22.88 8.46
CA THR A 116 8.51 23.32 9.66
C THR A 116 9.29 22.90 10.90
N THR A 117 9.01 23.56 12.03
CA THR A 117 9.46 23.17 13.40
C THR A 117 8.24 22.86 14.27
N ASP A 118 7.05 23.09 13.75
CA ASP A 118 5.81 22.71 14.46
C ASP A 118 5.81 21.19 14.58
N PRO A 119 5.95 20.62 15.80
CA PRO A 119 5.87 19.16 15.98
C PRO A 119 4.53 18.49 15.63
N LYS A 120 3.48 19.28 15.35
CA LYS A 120 2.12 18.74 15.01
C LYS A 120 1.94 18.68 13.48
N LEU A 121 2.95 19.16 12.73
CA LEU A 121 2.89 19.29 11.27
C LEU A 121 3.94 18.39 10.62
N ILE A 122 3.67 17.94 9.39
CA ILE A 122 4.66 17.20 8.54
C ILE A 122 5.01 18.14 7.38
N ASP A 123 6.30 18.32 7.13
CA ASP A 123 6.82 19.21 6.09
C ASP A 123 7.11 18.32 4.88
N LEU A 124 7.44 18.92 3.74
CA LEU A 124 7.71 18.15 2.50
C LEU A 124 9.11 17.53 2.57
N ALA A 125 10.06 18.19 3.27
CA ALA A 125 11.44 17.67 3.42
C ALA A 125 11.33 16.23 3.94
N ARG A 126 10.48 16.01 4.95
CA ARG A 126 10.27 14.69 5.60
C ARG A 126 9.11 13.92 4.98
N GLY A 127 8.02 14.60 4.62
CA GLY A 127 6.85 13.96 4.00
C GLY A 127 7.19 13.28 2.68
N LEU A 128 8.06 13.86 1.86
CA LEU A 128 8.44 13.31 0.51
C LEU A 128 9.68 12.40 0.59
N GLN A 129 10.22 12.18 1.78
CA GLN A 129 11.42 11.38 2.04
C GLN A 129 11.00 10.05 2.67
N TYR A 130 11.85 9.04 2.57
CA TYR A 130 11.69 7.75 3.28
C TYR A 130 11.31 8.04 4.73
N ALA A 131 10.38 7.24 5.26
CA ALA A 131 9.84 7.45 6.62
C ALA A 131 9.56 6.09 7.27
N ALA A 132 9.41 6.09 8.58
CA ALA A 132 9.11 4.86 9.35
C ALA A 132 7.85 4.25 8.73
N VAL A 133 7.83 2.93 8.56
CA VAL A 133 6.71 2.18 7.92
C VAL A 133 5.44 2.34 8.77
N GLU A 134 5.59 2.60 10.07
CA GLU A 134 4.42 2.68 11.01
C GLU A 134 3.69 4.01 10.80
N GLY A 135 4.34 4.99 10.17
CA GLY A 135 3.74 6.29 9.86
C GLY A 135 4.59 7.45 10.36
N HIS A 136 4.29 8.64 9.88
CA HIS A 136 4.82 9.92 10.40
C HIS A 136 4.32 10.12 11.82
N ALA A 137 5.16 10.62 12.74
CA ALA A 137 4.90 10.76 14.20
C ALA A 137 3.72 11.71 14.45
N PRO A 138 3.60 12.88 13.81
CA PRO A 138 2.42 13.73 13.97
C PRO A 138 1.11 13.00 13.70
N LEU A 139 1.05 12.12 12.69
CA LEU A 139 -0.22 11.42 12.29
C LEU A 139 -0.51 10.30 13.30
N LEU A 140 0.49 9.52 13.70
CA LEU A 140 0.40 8.53 14.80
C LEU A 140 -0.08 9.21 16.10
N GLN A 141 0.41 10.41 16.41
CA GLN A 141 0.03 11.15 17.63
C GLN A 141 -1.44 11.59 17.50
N PHE A 142 -1.84 12.14 16.35
CA PHE A 142 -3.27 12.51 16.13
C PHE A 142 -4.15 11.26 16.33
N ALA A 143 -3.82 10.12 15.73
CA ALA A 143 -4.64 8.89 15.88
C ALA A 143 -4.73 8.49 17.37
N ARG A 144 -3.64 8.57 18.11
CA ARG A 144 -3.64 8.31 19.59
C ARG A 144 -4.63 9.26 20.27
N ASP A 145 -4.46 10.57 20.10
CA ASP A 145 -5.25 11.64 20.76
C ASP A 145 -6.73 11.47 20.37
N PHE A 146 -7.02 11.13 19.11
CA PHE A 146 -8.39 10.92 18.58
C PHE A 146 -9.06 9.74 19.33
N ILE A 147 -8.35 8.62 19.43
CA ILE A 147 -8.90 7.38 20.05
C ILE A 147 -9.08 7.62 21.56
N ILE A 148 -8.15 8.35 22.18
CA ILE A 148 -8.25 8.66 23.64
C ILE A 148 -9.55 9.44 23.86
N ARG A 149 -9.86 10.36 22.95
CA ARG A 149 -11.06 11.23 23.05
C ARG A 149 -12.34 10.39 22.81
N THR A 150 -12.36 9.55 21.78
CA THR A 150 -13.58 8.88 21.27
C THR A 150 -13.76 7.49 21.87
N HIS A 151 -12.70 6.75 22.18
CA HIS A 151 -12.80 5.29 22.41
C HIS A 151 -11.61 4.77 23.23
N LYS A 152 -11.33 5.41 24.37
CA LYS A 152 -10.10 5.17 25.16
C LYS A 152 -10.03 3.70 25.53
N PRO A 153 -8.96 2.96 25.17
CA PRO A 153 -8.79 1.58 25.63
C PRO A 153 -8.78 1.50 27.16
N ASN A 154 -9.22 0.37 27.69
CA ASN A 154 -9.34 0.12 29.15
C ASN A 154 -8.08 -0.60 29.63
N TYR A 155 -6.93 -0.29 29.01
CA TYR A 155 -5.60 -0.80 29.39
C TYR A 155 -4.58 0.19 28.84
N ASP A 156 -3.29 0.05 29.22
CA ASP A 156 -2.27 1.11 28.99
C ASP A 156 -1.34 0.72 27.84
N ASP A 157 -1.31 -0.55 27.45
CA ASP A 157 -0.22 -1.12 26.62
C ASP A 157 -0.67 -1.24 25.16
N TRP A 158 -1.34 -0.21 24.63
CA TRP A 158 -1.86 -0.20 23.24
C TRP A 158 -1.06 0.81 22.43
N ASN A 159 -1.05 0.62 21.11
CA ASN A 159 -0.46 1.60 20.18
C ASN A 159 -1.30 1.64 18.90
N VAL A 160 -1.01 2.62 18.06
CA VAL A 160 -1.59 2.80 16.70
C VAL A 160 -0.51 2.56 15.64
N PHE A 161 -0.95 2.27 14.41
CA PHE A 161 -0.13 1.93 13.23
C PHE A 161 -0.83 2.53 12.02
N ILE A 162 -0.17 3.31 11.17
CA ILE A 162 -0.84 3.92 10.00
C ILE A 162 -1.00 2.86 8.91
N THR A 163 -2.21 2.75 8.32
CA THR A 163 -2.54 1.76 7.28
C THR A 163 -2.92 2.48 5.99
N THR A 164 -3.21 1.73 4.92
CA THR A 164 -3.69 2.30 3.64
C THR A 164 -5.20 2.16 3.52
N GLY A 165 -5.92 2.04 4.64
CA GLY A 165 -7.39 1.94 4.69
C GLY A 165 -7.88 0.80 5.56
N ALA A 166 -9.20 0.62 5.66
CA ALA A 166 -9.83 -0.45 6.48
C ALA A 166 -9.49 -1.83 5.92
N SER A 167 -9.60 -2.02 4.60
CA SER A 167 -9.27 -3.33 3.98
C SER A 167 -7.82 -3.69 4.28
N ASP A 168 -6.93 -2.70 4.31
CA ASP A 168 -5.51 -2.93 4.66
C ASP A 168 -5.38 -3.34 6.15
N GLY A 169 -6.05 -2.61 7.05
CA GLY A 169 -6.10 -2.94 8.49
C GLY A 169 -6.66 -4.34 8.72
N LEU A 170 -7.71 -4.69 8.00
CA LEU A 170 -8.38 -6.00 8.13
C LEU A 170 -7.40 -7.11 7.70
N ASN A 171 -6.66 -6.90 6.61
CA ASN A 171 -5.68 -7.91 6.12
C ASN A 171 -4.59 -8.07 7.17
N LYS A 172 -4.10 -6.95 7.71
CA LYS A 172 -3.08 -6.95 8.79
C LYS A 172 -3.61 -7.78 9.98
N ALA A 173 -4.89 -7.61 10.29
CA ALA A 173 -5.58 -8.21 11.45
C ALA A 173 -5.75 -9.70 11.19
N ALA A 174 -6.14 -10.07 9.98
CA ALA A 174 -6.27 -11.51 9.63
C ALA A 174 -4.91 -12.19 9.78
N ASP A 175 -3.87 -11.57 9.24
CA ASP A 175 -2.49 -12.12 9.33
C ASP A 175 -2.01 -12.22 10.77
N VAL A 176 -2.23 -11.19 11.58
CA VAL A 176 -1.62 -11.14 12.93
C VAL A 176 -2.34 -12.15 13.84
N PHE A 177 -3.59 -12.53 13.57
CA PHE A 177 -4.32 -13.47 14.47
C PHE A 177 -4.51 -14.87 13.87
N LEU A 178 -4.44 -15.08 12.55
CA LEU A 178 -4.92 -16.37 11.98
C LEU A 178 -3.76 -17.16 11.37
N ASP A 179 -3.52 -18.37 11.88
CA ASP A 179 -2.54 -19.35 11.35
C ASP A 179 -3.27 -20.22 10.34
N ASP A 180 -2.51 -20.94 9.52
CA ASP A 180 -3.03 -21.95 8.58
C ASP A 180 -3.86 -22.96 9.37
N GLY A 181 -5.15 -23.13 9.01
CA GLY A 181 -6.11 -24.07 9.63
C GLY A 181 -6.96 -23.47 10.75
N ASP A 182 -6.74 -22.22 11.14
CA ASP A 182 -7.51 -21.55 12.21
C ASP A 182 -8.91 -21.23 11.70
N VAL A 183 -9.83 -21.00 12.65
CA VAL A 183 -11.22 -20.61 12.32
C VAL A 183 -11.41 -19.16 12.76
N ILE A 184 -12.05 -18.37 11.91
CA ILE A 184 -12.53 -17.00 12.24
C ILE A 184 -14.06 -16.97 12.13
N LEU A 185 -14.70 -16.51 13.19
CA LEU A 185 -16.15 -16.24 13.23
C LEU A 185 -16.39 -14.92 12.47
N VAL A 186 -17.29 -14.96 11.51
CA VAL A 186 -17.64 -13.82 10.62
C VAL A 186 -19.18 -13.73 10.62
N GLU A 187 -19.72 -12.53 10.69
CA GLU A 187 -21.19 -12.32 10.57
C GLU A 187 -21.60 -12.84 9.18
N GLU A 188 -22.70 -13.59 9.13
CA GLU A 188 -23.10 -14.44 7.98
C GLU A 188 -23.27 -13.56 6.74
N PHE A 189 -23.73 -12.32 6.94
CA PHE A 189 -23.65 -11.22 5.97
C PHE A 189 -22.54 -10.29 6.45
N THR A 190 -21.61 -9.92 5.57
CA THR A 190 -20.38 -9.19 5.94
C THR A 190 -19.81 -8.41 4.75
N PHE A 191 -18.73 -7.71 5.03
CA PHE A 191 -17.84 -7.06 4.04
C PHE A 191 -17.00 -8.18 3.39
N SER A 192 -17.50 -8.70 2.28
CA SER A 192 -16.99 -9.86 1.49
C SER A 192 -15.47 -9.86 1.30
N PRO A 193 -14.79 -8.74 0.96
CA PRO A 193 -13.34 -8.76 0.78
C PRO A 193 -12.60 -9.28 2.01
N PHE A 194 -13.19 -9.21 3.21
CA PHE A 194 -12.54 -9.76 4.42
C PHE A 194 -12.20 -11.23 4.16
N LEU A 195 -13.09 -11.97 3.49
CA LEU A 195 -12.92 -13.41 3.23
C LEU A 195 -11.68 -13.64 2.36
N ARG A 196 -11.25 -12.66 1.56
CA ARG A 196 -9.99 -12.81 0.79
C ARG A 196 -8.83 -12.79 1.78
N PHE A 197 -8.90 -11.93 2.81
CA PHE A 197 -7.80 -11.74 3.77
C PHE A 197 -7.72 -12.96 4.69
N SER A 198 -8.87 -13.48 5.13
CA SER A 198 -8.90 -14.67 6.02
C SER A 198 -8.43 -15.87 5.20
N ASP A 199 -8.85 -15.98 3.94
CA ASP A 199 -8.41 -17.09 3.04
C ASP A 199 -6.89 -17.00 2.83
N ASN A 200 -6.37 -15.78 2.61
CA ASN A 200 -4.93 -15.52 2.46
C ASN A 200 -4.17 -16.10 3.66
N ALA A 201 -4.73 -16.04 4.87
CA ALA A 201 -4.04 -16.51 6.11
C ALA A 201 -4.24 -18.03 6.27
N GLY A 202 -5.01 -18.65 5.37
CA GLY A 202 -5.34 -20.09 5.44
C GLY A 202 -6.39 -20.44 6.50
N ALA A 203 -7.19 -19.45 6.93
CA ALA A 203 -8.27 -19.59 7.93
C ALA A 203 -9.59 -20.00 7.25
N LYS A 204 -10.41 -20.78 7.95
CA LYS A 204 -11.80 -21.12 7.56
C LYS A 204 -12.73 -20.11 8.25
N ALA A 205 -13.66 -19.54 7.49
CA ALA A 205 -14.64 -18.57 7.97
C ALA A 205 -15.92 -19.35 8.33
N VAL A 206 -16.32 -19.30 9.60
CA VAL A 206 -17.59 -19.90 10.09
C VAL A 206 -18.61 -18.77 10.28
N PRO A 207 -19.76 -18.83 9.57
CA PRO A 207 -20.76 -17.77 9.67
C PRO A 207 -21.46 -17.75 11.03
N VAL A 208 -21.73 -16.56 11.57
CA VAL A 208 -22.54 -16.29 12.81
C VAL A 208 -23.91 -15.70 12.41
N LYS A 209 -25.02 -16.33 12.78
CA LYS A 209 -26.34 -15.88 12.26
C LYS A 209 -26.58 -14.44 12.73
N ILE A 210 -27.19 -13.64 11.86
CA ILE A 210 -27.71 -12.30 12.20
C ILE A 210 -29.21 -12.46 12.49
N ASN A 211 -29.67 -11.77 13.54
CA ASN A 211 -31.11 -11.60 13.86
C ASN A 211 -31.58 -10.39 13.06
N PHE A 212 -32.68 -10.53 12.30
CA PHE A 212 -33.25 -9.50 11.41
C PHE A 212 -34.44 -8.76 12.03
N ASP A 213 -34.74 -8.92 13.31
CA ASP A 213 -35.86 -8.18 13.95
C ASP A 213 -35.51 -6.69 13.87
N ASN A 214 -36.51 -5.81 13.92
CA ASN A 214 -36.29 -4.35 13.75
C ASN A 214 -35.44 -3.82 14.92
N ASP A 215 -35.48 -4.46 16.09
CA ASP A 215 -34.68 -4.05 17.29
C ASP A 215 -33.43 -4.93 17.48
N SER A 216 -32.95 -5.63 16.45
CA SER A 216 -31.76 -6.52 16.54
C SER A 216 -30.49 -5.72 16.88
N ASP A 217 -29.55 -6.34 17.59
CA ASP A 217 -28.17 -5.83 17.80
C ASP A 217 -27.27 -6.22 16.60
N GLY A 218 -27.79 -7.05 15.70
CA GLY A 218 -27.04 -7.70 14.63
C GLY A 218 -26.91 -9.18 14.91
N ILE A 219 -25.71 -9.62 15.31
CA ILE A 219 -25.44 -11.04 15.67
C ILE A 219 -26.63 -11.51 16.54
N ASP A 220 -27.17 -12.68 16.22
CA ASP A 220 -28.15 -13.35 17.09
C ASP A 220 -27.38 -13.96 18.28
N LEU A 221 -27.49 -13.36 19.46
CA LEU A 221 -26.63 -13.72 20.63
C LEU A 221 -26.94 -15.15 21.08
N THR A 222 -28.20 -15.57 21.00
CA THR A 222 -28.67 -16.91 21.45
C THR A 222 -28.00 -17.98 20.56
N GLN A 223 -27.98 -17.82 19.24
CA GLN A 223 -27.34 -18.79 18.32
C GLN A 223 -25.81 -18.67 18.43
N PHE A 224 -25.25 -17.52 18.80
CA PHE A 224 -23.78 -17.33 18.97
C PHE A 224 -23.33 -18.13 20.20
N VAL A 225 -24.06 -18.01 21.31
CA VAL A 225 -23.77 -18.79 22.55
C VAL A 225 -23.97 -20.28 22.25
N ASP A 226 -25.00 -20.64 21.48
CA ASP A 226 -25.20 -22.08 21.12
C ASP A 226 -24.00 -22.57 20.31
N LEU A 227 -23.48 -21.74 19.41
CA LEU A 227 -22.39 -22.13 18.48
C LEU A 227 -21.15 -22.41 19.34
N LEU A 228 -20.83 -21.51 20.27
CA LEU A 228 -19.63 -21.64 21.11
C LEU A 228 -19.79 -22.78 22.14
N GLU A 229 -20.96 -22.98 22.74
CA GLU A 229 -21.12 -23.98 23.82
C GLU A 229 -21.17 -25.39 23.22
N ASN A 230 -21.63 -25.55 21.97
CA ASN A 230 -21.83 -26.89 21.32
C ASN A 230 -20.94 -26.97 20.08
N TRP A 231 -19.71 -26.45 20.16
CA TRP A 231 -18.81 -26.26 18.98
C TRP A 231 -18.60 -27.59 18.25
N GLU A 232 -18.35 -28.68 19.00
CA GLU A 232 -18.01 -30.00 18.43
C GLU A 232 -19.24 -30.61 17.75
N LYS A 233 -20.44 -30.17 18.09
CA LYS A 233 -21.69 -30.68 17.47
C LYS A 233 -21.88 -30.01 16.11
N HIS A 234 -21.64 -28.69 16.01
CA HIS A 234 -21.77 -27.95 14.73
C HIS A 234 -20.58 -28.27 13.81
N TYR A 235 -19.37 -28.41 14.37
CA TYR A 235 -18.12 -28.53 13.57
C TYR A 235 -17.14 -29.48 14.29
N PRO A 236 -17.38 -30.80 14.24
CA PRO A 236 -16.53 -31.75 14.97
C PRO A 236 -15.08 -31.77 14.44
N ASN A 237 -14.84 -31.29 13.21
CA ASN A 237 -13.53 -31.35 12.51
C ASN A 237 -12.71 -30.04 12.65
N LEU A 238 -13.34 -28.88 12.89
CA LEU A 238 -12.67 -27.55 12.97
C LEU A 238 -12.15 -27.31 14.38
N PRO A 239 -10.96 -26.68 14.55
CA PRO A 239 -10.55 -26.16 15.84
C PRO A 239 -11.50 -25.09 16.39
N LYS A 240 -11.39 -24.84 17.70
CA LYS A 240 -12.13 -23.77 18.41
C LYS A 240 -11.80 -22.46 17.70
N PRO A 241 -12.77 -21.54 17.54
CA PRO A 241 -12.49 -20.29 16.86
C PRO A 241 -11.34 -19.51 17.53
N LYS A 242 -10.53 -18.88 16.69
CA LYS A 242 -9.35 -18.06 17.06
C LYS A 242 -9.77 -16.60 17.22
N ALA A 243 -10.74 -16.14 16.43
CA ALA A 243 -11.16 -14.73 16.43
C ALA A 243 -12.61 -14.57 15.97
N LEU A 244 -13.12 -13.34 16.15
CA LEU A 244 -14.43 -12.86 15.63
C LEU A 244 -14.20 -11.56 14.84
N TYR A 245 -14.73 -11.49 13.62
CA TYR A 245 -14.74 -10.26 12.79
C TYR A 245 -16.16 -9.70 12.87
N THR A 246 -16.30 -8.52 13.45
CA THR A 246 -17.62 -7.91 13.69
C THR A 246 -17.54 -6.44 13.30
N ILE A 247 -18.45 -6.03 12.43
CA ILE A 247 -18.71 -4.62 12.10
C ILE A 247 -19.85 -4.22 13.03
N ALA A 248 -19.52 -3.99 14.30
CA ALA A 248 -20.46 -3.92 15.45
C ALA A 248 -21.40 -2.72 15.28
N THR A 249 -20.89 -1.57 14.83
CA THR A 249 -21.71 -0.37 14.52
C THR A 249 -21.91 -0.20 13.02
N GLY A 250 -23.16 0.00 12.58
CA GLY A 250 -23.48 0.24 11.16
C GLY A 250 -23.01 -0.93 10.33
N GLN A 251 -23.35 -2.14 10.79
CA GLN A 251 -22.95 -3.45 10.22
C GLN A 251 -23.14 -3.40 8.69
N ASN A 252 -22.12 -3.84 7.96
CA ASN A 252 -22.20 -3.97 6.49
C ASN A 252 -22.52 -5.44 6.17
N PRO A 253 -23.67 -5.81 5.58
CA PRO A 253 -24.61 -4.84 4.98
C PRO A 253 -25.83 -4.39 5.78
N THR A 254 -26.11 -5.04 6.91
CA THR A 254 -27.45 -4.99 7.58
C THR A 254 -27.70 -3.64 8.25
N GLY A 255 -26.67 -2.95 8.73
CA GLY A 255 -26.78 -1.60 9.30
C GLY A 255 -27.05 -1.64 10.79
N PHE A 256 -27.13 -2.84 11.37
CA PHE A 256 -27.38 -2.99 12.83
C PHE A 256 -26.21 -2.45 13.67
N THR A 257 -26.52 -1.95 14.86
CA THR A 257 -25.57 -1.46 15.88
C THR A 257 -25.75 -2.26 17.17
N GLN A 258 -24.71 -3.00 17.60
CA GLN A 258 -24.68 -3.69 18.92
C GLN A 258 -24.75 -2.63 20.01
N SER A 259 -25.61 -2.84 21.01
CA SER A 259 -25.69 -1.99 22.21
C SER A 259 -24.45 -2.23 23.07
N LEU A 260 -24.17 -1.30 23.99
CA LEU A 260 -23.10 -1.46 24.98
C LEU A 260 -23.28 -2.81 25.68
N GLU A 261 -24.49 -3.09 26.15
CA GLU A 261 -24.81 -4.29 26.97
C GLU A 261 -24.52 -5.55 26.14
N PHE A 262 -24.85 -5.56 24.86
CA PHE A 262 -24.55 -6.67 23.92
C PHE A 262 -23.02 -6.85 23.77
N ARG A 263 -22.32 -5.75 23.55
CA ARG A 263 -20.84 -5.75 23.42
C ARG A 263 -20.24 -6.42 24.67
N LYS A 264 -20.75 -6.11 25.86
CA LYS A 264 -20.23 -6.65 27.14
C LYS A 264 -20.41 -8.16 27.13
N LYS A 265 -21.55 -8.65 26.62
CA LYS A 265 -21.79 -10.12 26.51
C LYS A 265 -20.82 -10.75 25.49
N ILE A 266 -20.57 -10.12 24.32
CA ILE A 266 -19.63 -10.64 23.28
C ILE A 266 -18.19 -10.64 23.84
N TYR A 267 -17.81 -9.62 24.59
CA TYR A 267 -16.44 -9.52 25.16
C TYR A 267 -16.20 -10.65 26.17
N ASP A 268 -17.15 -10.86 27.09
CA ASP A 268 -17.10 -11.91 28.13
C ASP A 268 -17.03 -13.27 27.43
N LEU A 269 -17.74 -13.46 26.31
CA LEU A 269 -17.62 -14.68 25.46
C LEU A 269 -16.19 -14.75 24.88
N ALA A 270 -15.63 -13.64 24.42
CA ALA A 270 -14.26 -13.64 23.84
C ALA A 270 -13.23 -14.03 24.94
N VAL A 271 -13.47 -13.62 26.19
CA VAL A 271 -12.58 -13.97 27.34
C VAL A 271 -12.77 -15.47 27.66
N LYS A 272 -14.00 -15.91 27.84
CA LYS A 272 -14.31 -17.31 28.24
C LYS A 272 -13.75 -18.33 27.24
N TYR A 273 -13.90 -18.07 25.94
CA TYR A 273 -13.57 -19.01 24.84
C TYR A 273 -12.24 -18.60 24.18
N ASP A 274 -11.64 -17.50 24.67
CA ASP A 274 -10.27 -16.97 24.42
C ASP A 274 -10.04 -16.77 22.92
N PHE A 275 -10.79 -15.85 22.31
CA PHE A 275 -10.63 -15.47 20.89
C PHE A 275 -10.45 -13.96 20.79
N ALA A 276 -9.76 -13.51 19.73
CA ALA A 276 -9.52 -12.08 19.42
C ALA A 276 -10.78 -11.49 18.83
N ILE A 277 -10.97 -10.20 19.06
CA ILE A 277 -12.00 -9.40 18.37
C ILE A 277 -11.32 -8.45 17.38
N ILE A 278 -11.62 -8.65 16.10
CA ILE A 278 -11.34 -7.66 15.02
C ILE A 278 -12.60 -6.79 14.90
N GLU A 279 -12.52 -5.59 15.45
CA GLU A 279 -13.59 -4.57 15.38
C GLU A 279 -13.33 -3.70 14.14
N ASP A 280 -14.24 -3.70 13.17
CA ASP A 280 -14.15 -2.84 11.96
C ASP A 280 -15.19 -1.72 12.12
N ASP A 281 -14.76 -0.44 12.10
CA ASP A 281 -15.64 0.71 12.38
C ASP A 281 -15.36 1.87 11.42
N PRO A 282 -15.70 1.74 10.12
CA PRO A 282 -15.52 2.83 9.15
C PRO A 282 -16.49 4.02 9.27
N TYR A 283 -17.63 3.85 9.93
CA TYR A 283 -18.66 4.94 10.02
C TYR A 283 -19.47 4.87 11.32
N GLY A 284 -18.96 4.25 12.38
CA GLY A 284 -19.63 4.30 13.69
C GLY A 284 -19.76 5.71 14.23
N TYR A 285 -18.94 6.65 13.77
CA TYR A 285 -18.95 8.09 14.19
C TYR A 285 -20.16 8.82 13.60
N LEU A 286 -20.73 8.31 12.51
CA LEU A 286 -21.93 8.87 11.85
C LEU A 286 -23.17 8.24 12.48
N THR A 287 -23.49 8.63 13.72
CA THR A 287 -24.67 8.13 14.46
C THR A 287 -25.93 8.84 13.94
N LEU A 288 -27.03 8.09 13.80
CA LEU A 288 -28.29 8.53 13.14
C LEU A 288 -29.43 8.44 14.14
N PRO A 289 -30.05 9.58 14.51
CA PRO A 289 -31.23 9.55 15.37
C PRO A 289 -32.36 8.76 14.68
N LYS A 290 -33.17 8.05 15.45
CA LYS A 290 -34.19 7.14 14.85
C LYS A 290 -35.13 7.93 13.92
N TYR A 291 -35.71 7.25 12.95
CA TYR A 291 -36.55 7.88 11.91
C TYR A 291 -37.60 8.83 12.52
N GLU A 292 -37.70 10.02 11.92
CA GLU A 292 -38.77 11.05 12.10
C GLU A 292 -39.21 11.50 10.70
N LYS A 293 -40.50 11.73 10.48
CA LYS A 293 -41.01 12.29 9.19
C LYS A 293 -40.09 13.45 8.84
N PRO A 294 -39.33 13.45 7.72
CA PRO A 294 -38.58 14.63 7.30
C PRO A 294 -39.47 15.82 6.84
N ASN A 295 -38.81 16.96 6.63
CA ASN A 295 -39.37 18.19 6.03
C ASN A 295 -38.93 18.30 4.56
N ASP A 309 -27.79 20.28 15.96
CA ASP A 309 -26.72 21.16 16.52
C ASP A 309 -26.13 20.49 17.77
N LEU A 310 -25.96 19.15 17.73
CA LEU A 310 -25.22 18.32 18.72
C LEU A 310 -23.89 18.99 19.07
N GLU A 311 -23.56 19.01 20.37
CA GLU A 311 -22.25 19.42 20.93
C GLU A 311 -21.38 18.18 21.18
N ILE A 312 -20.06 18.32 21.00
CA ILE A 312 -19.06 17.23 21.12
C ILE A 312 -19.35 16.39 22.37
N ASP A 313 -19.39 17.02 23.54
CA ASP A 313 -19.51 16.30 24.84
C ASP A 313 -20.80 15.48 24.85
N ASP A 314 -21.90 16.00 24.31
CA ASP A 314 -23.22 15.27 24.29
C ASP A 314 -23.06 14.06 23.35
N TYR A 315 -22.57 14.30 22.14
CA TYR A 315 -22.20 13.28 21.14
C TYR A 315 -21.34 12.18 21.78
N LEU A 316 -20.22 12.54 22.41
CA LEU A 316 -19.24 11.56 22.94
C LEU A 316 -19.92 10.76 24.05
N LYS A 317 -20.66 11.42 24.95
CA LYS A 317 -21.22 10.77 26.16
C LYS A 317 -22.45 9.96 25.80
N ASN A 318 -23.30 10.48 24.91
CA ASN A 318 -24.69 9.95 24.78
C ASN A 318 -24.99 9.35 23.40
N HIS A 319 -24.32 9.75 22.31
CA HIS A 319 -24.65 9.31 20.92
C HIS A 319 -23.75 8.15 20.46
N LEU A 320 -22.44 8.31 20.62
CA LEU A 320 -21.42 7.34 20.16
C LEU A 320 -21.58 6.04 20.96
N THR A 321 -21.65 4.87 20.33
CA THR A 321 -21.63 3.57 21.05
C THR A 321 -20.17 3.21 21.36
N PRO A 322 -19.85 2.80 22.61
CA PRO A 322 -18.49 2.40 22.95
C PRO A 322 -17.94 1.31 22.02
N SER A 323 -16.64 1.45 21.70
CA SER A 323 -15.78 0.45 21.02
C SER A 323 -15.48 -0.72 21.98
N TYR A 324 -15.31 -1.91 21.43
CA TYR A 324 -14.71 -3.07 22.14
C TYR A 324 -13.38 -2.66 22.80
N LEU A 325 -12.69 -1.64 22.32
CA LEU A 325 -11.45 -1.17 23.00
C LEU A 325 -11.78 -0.80 24.46
N GLU A 326 -12.96 -0.25 24.68
CA GLU A 326 -13.28 0.38 25.99
C GLU A 326 -13.60 -0.75 26.97
N LEU A 327 -13.90 -1.96 26.48
CA LEU A 327 -14.12 -3.16 27.32
C LEU A 327 -12.84 -3.98 27.47
N ASP A 328 -11.86 -3.75 26.60
CA ASP A 328 -10.65 -4.59 26.52
C ASP A 328 -9.74 -4.22 27.70
N THR A 329 -9.38 -5.22 28.52
CA THR A 329 -8.43 -5.10 29.67
C THR A 329 -7.06 -5.69 29.33
N THR A 330 -6.88 -6.41 28.20
CA THR A 330 -5.67 -7.24 27.96
C THR A 330 -5.10 -7.10 26.54
N GLY A 331 -5.83 -6.55 25.57
CA GLY A 331 -5.32 -6.35 24.20
C GLY A 331 -5.81 -7.41 23.24
N ARG A 332 -6.90 -8.10 23.58
CA ARG A 332 -7.50 -9.14 22.69
C ARG A 332 -8.32 -8.47 21.57
N VAL A 333 -8.44 -7.14 21.59
CA VAL A 333 -9.21 -6.37 20.57
C VAL A 333 -8.25 -5.63 19.65
N LEU A 334 -8.50 -5.73 18.33
CA LEU A 334 -7.80 -4.92 17.30
C LEU A 334 -8.88 -4.12 16.58
N ARG A 335 -8.83 -2.81 16.73
CA ARG A 335 -9.79 -1.88 16.10
C ARG A 335 -9.22 -1.41 14.76
N VAL A 336 -10.00 -1.54 13.68
CA VAL A 336 -9.66 -1.04 12.32
C VAL A 336 -10.42 0.26 12.05
N GLU A 337 -9.69 1.34 11.77
CA GLU A 337 -10.23 2.66 11.40
C GLU A 337 -9.76 3.01 9.99
N THR A 338 -10.46 3.92 9.33
CA THR A 338 -10.10 4.41 7.98
C THR A 338 -10.47 5.88 7.89
N PHE A 339 -9.80 6.57 6.98
CA PHE A 339 -10.12 7.96 6.56
C PHE A 339 -11.03 7.91 5.32
N SER A 340 -11.47 6.73 4.89
CA SER A 340 -12.12 6.52 3.56
C SER A 340 -13.51 7.18 3.56
N LYS A 341 -14.26 6.98 4.65
CA LYS A 341 -15.69 7.31 4.65
C LYS A 341 -15.88 8.69 5.32
N LEU A 342 -14.91 9.18 6.08
CA LEU A 342 -15.02 10.47 6.77
C LEU A 342 -14.22 11.58 6.10
N PHE A 343 -13.18 11.26 5.33
CA PHE A 343 -12.39 12.23 4.55
C PHE A 343 -12.61 11.96 3.05
N ALA A 344 -12.04 10.87 2.51
CA ALA A 344 -12.14 10.42 1.10
C ALA A 344 -11.55 9.02 0.93
N PRO A 345 -12.22 8.12 0.20
CA PRO A 345 -11.64 6.81 -0.11
C PRO A 345 -10.27 6.88 -0.81
N GLY A 346 -10.08 7.88 -1.67
CA GLY A 346 -8.92 7.89 -2.58
C GLY A 346 -7.66 8.25 -1.85
N LEU A 347 -7.77 8.56 -0.56
CA LEU A 347 -6.57 8.74 0.30
C LEU A 347 -5.80 7.42 0.39
N ARG A 348 -6.49 6.29 0.53
CA ARG A 348 -5.88 4.99 0.87
C ARG A 348 -5.11 5.21 2.18
N LEU A 349 -5.84 5.61 3.22
CA LEU A 349 -5.23 5.94 4.54
C LEU A 349 -6.18 5.52 5.64
N GLY A 350 -5.63 4.93 6.70
CA GLY A 350 -6.35 4.58 7.92
C GLY A 350 -5.41 4.39 9.10
N PHE A 351 -5.88 3.74 10.16
CA PHE A 351 -5.00 3.24 11.24
C PHE A 351 -5.70 2.08 11.93
N ILE A 352 -4.92 1.29 12.64
CA ILE A 352 -5.39 0.21 13.54
C ILE A 352 -4.96 0.58 14.97
N VAL A 353 -5.70 0.09 15.95
CA VAL A 353 -5.41 0.29 17.40
C VAL A 353 -5.38 -1.11 17.97
N GLY A 354 -4.31 -1.46 18.68
CA GLY A 354 -4.23 -2.75 19.38
C GLY A 354 -3.05 -2.77 20.32
N HIS A 355 -2.80 -3.92 20.94
CA HIS A 355 -1.71 -4.13 21.93
C HIS A 355 -0.36 -3.85 21.25
N LYS A 356 0.57 -3.21 21.97
CA LYS A 356 1.97 -2.96 21.52
C LYS A 356 2.51 -4.14 20.70
N GLU A 357 2.31 -5.36 21.19
CA GLU A 357 2.91 -6.62 20.65
C GLU A 357 2.20 -7.07 19.37
N VAL A 358 0.88 -6.86 19.27
CA VAL A 358 0.09 -7.09 18.02
C VAL A 358 0.59 -6.10 16.97
N ILE A 359 0.70 -4.83 17.33
CA ILE A 359 1.18 -3.78 16.40
C ILE A 359 2.61 -4.10 15.89
N ASP A 360 3.49 -4.62 16.77
CA ASP A 360 4.89 -4.99 16.42
C ASP A 360 4.88 -6.07 15.34
N ALA A 361 4.07 -7.11 15.51
CA ALA A 361 3.89 -8.16 14.50
C ALA A 361 3.36 -7.51 13.21
N VAL A 362 2.32 -6.67 13.30
CA VAL A 362 1.75 -6.01 12.09
C VAL A 362 2.87 -5.23 11.35
N LYS A 363 3.78 -4.59 12.09
CA LYS A 363 4.94 -3.85 11.51
C LYS A 363 5.75 -4.80 10.61
N ASN A 364 6.13 -5.97 11.10
CA ASN A 364 7.00 -6.95 10.39
C ASN A 364 6.26 -7.50 9.16
N TYR A 365 4.93 -7.69 9.24
CA TYR A 365 4.09 -8.06 8.07
C TYR A 365 4.15 -6.92 7.05
N SER A 366 4.05 -5.66 7.51
CA SER A 366 3.96 -4.47 6.64
C SER A 366 5.28 -4.31 5.85
N ASP A 367 6.42 -4.59 6.48
CA ASP A 367 7.77 -4.55 5.86
C ASP A 367 7.80 -5.49 4.63
N VAL A 368 7.04 -6.58 4.60
CA VAL A 368 7.02 -7.55 3.48
C VAL A 368 6.03 -7.06 2.40
N VAL A 369 4.75 -6.88 2.74
CA VAL A 369 3.67 -6.78 1.72
C VAL A 369 3.15 -5.36 1.50
N ASN A 370 3.44 -4.41 2.39
CA ASN A 370 2.85 -3.04 2.25
C ASN A 370 3.69 -2.04 3.03
N ARG A 371 4.73 -1.49 2.38
CA ARG A 371 5.82 -0.74 3.05
C ARG A 371 5.46 0.76 3.20
N GLY A 372 4.31 1.06 3.81
CA GLY A 372 3.94 2.42 4.24
C GLY A 372 2.84 3.05 3.39
N ALA A 373 1.84 3.64 4.06
CA ALA A 373 0.91 4.61 3.45
C ALA A 373 1.70 5.77 2.80
N SER A 374 1.27 6.21 1.63
CA SER A 374 1.86 7.37 0.92
C SER A 374 2.23 8.48 1.94
N GLY A 375 3.50 8.85 1.97
CA GLY A 375 4.03 9.95 2.81
C GLY A 375 3.40 11.27 2.46
N LEU A 376 3.19 11.54 1.18
CA LEU A 376 2.58 12.81 0.69
C LEU A 376 1.13 12.88 1.18
N THR A 377 0.40 11.77 1.13
CA THR A 377 -0.99 11.68 1.63
C THR A 377 -0.99 11.89 3.15
N GLN A 378 -0.08 11.25 3.89
CA GLN A 378 0.00 11.43 5.37
C GLN A 378 0.23 12.90 5.64
N THR A 379 1.11 13.51 4.85
CA THR A 379 1.44 14.94 4.99
C THR A 379 0.15 15.76 4.85
N ILE A 380 -0.60 15.56 3.77
CA ILE A 380 -1.78 16.42 3.45
C ILE A 380 -2.90 16.19 4.47
N VAL A 381 -3.21 14.94 4.83
CA VAL A 381 -4.31 14.65 5.76
C VAL A 381 -3.93 15.21 7.13
N ASN A 382 -2.71 14.91 7.57
CA ASN A 382 -2.22 15.36 8.90
C ASN A 382 -2.31 16.89 8.95
N ASN A 383 -1.85 17.57 7.92
CA ASN A 383 -1.68 19.05 8.03
C ASN A 383 -3.05 19.68 7.90
N VAL A 384 -3.94 19.09 7.12
CA VAL A 384 -5.34 19.62 6.99
C VAL A 384 -6.02 19.48 8.34
N ILE A 385 -5.87 18.33 9.00
CA ILE A 385 -6.58 18.08 10.29
C ILE A 385 -6.02 19.03 11.36
N GLN A 386 -4.70 19.32 11.36
CA GLN A 386 -4.06 20.18 12.40
C GLN A 386 -4.23 21.67 12.13
N GLU A 387 -3.92 22.15 10.92
CA GLU A 387 -3.95 23.58 10.53
C GLU A 387 -5.41 24.05 10.36
N ASN A 388 -6.21 23.36 9.57
CA ASN A 388 -7.58 23.80 9.22
C ASN A 388 -8.50 23.51 10.42
N PHE A 389 -8.54 22.25 10.85
CA PHE A 389 -9.52 21.75 11.84
C PHE A 389 -9.01 21.88 13.27
N LYS A 390 -7.74 22.20 13.48
CA LYS A 390 -7.14 22.49 14.82
C LYS A 390 -7.19 21.25 15.70
N GLY A 391 -7.09 20.06 15.11
CA GLY A 391 -6.87 18.78 15.83
C GLY A 391 -8.16 18.00 16.08
N VAL A 392 -8.16 17.26 17.18
CA VAL A 392 -9.17 16.23 17.51
C VAL A 392 -10.59 16.81 17.55
N ASP A 393 -10.83 17.86 18.34
CA ASP A 393 -12.21 18.37 18.57
C ASP A 393 -12.73 19.00 17.28
N GLY A 394 -11.88 19.73 16.56
CA GLY A 394 -12.28 20.34 15.28
C GLY A 394 -12.60 19.30 14.23
N TRP A 395 -11.84 18.21 14.17
CA TRP A 395 -12.14 17.07 13.26
C TRP A 395 -13.48 16.48 13.68
N LEU A 396 -13.74 16.35 14.99
CA LEU A 396 -15.06 15.84 15.46
C LEU A 396 -16.20 16.77 14.97
N GLU A 397 -15.97 18.09 14.93
CA GLU A 397 -16.98 19.06 14.41
C GLU A 397 -17.20 18.81 12.91
N TRP A 398 -16.16 18.45 12.16
CA TRP A 398 -16.31 18.11 10.72
C TRP A 398 -17.18 16.85 10.61
N ILE A 399 -16.88 15.85 11.44
CA ILE A 399 -17.65 14.56 11.51
C ILE A 399 -19.12 14.85 11.80
N LEU A 400 -19.41 15.80 12.70
CA LEU A 400 -20.80 16.16 13.10
C LEU A 400 -21.58 16.80 11.94
N LYS A 401 -20.93 17.63 11.13
CA LYS A 401 -21.60 18.22 9.94
C LYS A 401 -21.92 17.09 8.97
N MET A 402 -21.00 16.14 8.81
CA MET A 402 -21.20 14.96 7.93
C MET A 402 -22.43 14.19 8.46
N ARG A 403 -22.45 13.93 9.76
CA ARG A 403 -23.54 13.22 10.50
C ARG A 403 -24.90 13.81 10.11
N LEU A 404 -25.07 15.13 10.20
CA LEU A 404 -26.34 15.84 9.88
C LEU A 404 -26.75 15.48 8.46
N ASN A 405 -25.79 15.41 7.54
CA ASN A 405 -26.10 15.12 6.11
C ASN A 405 -26.65 13.69 6.01
N TYR A 406 -25.88 12.73 6.52
CA TYR A 406 -26.19 11.30 6.44
C TYR A 406 -27.53 11.06 7.13
N SER A 407 -27.79 11.78 8.23
CA SER A 407 -29.04 11.64 9.01
C SER A 407 -30.25 12.02 8.13
N TYR A 408 -30.17 13.17 7.45
CA TYR A 408 -31.24 13.67 6.56
C TYR A 408 -31.40 12.71 5.40
N ARG A 409 -30.31 12.29 4.78
CA ARG A 409 -30.36 11.36 3.62
C ARG A 409 -31.06 10.05 4.04
N LYS A 410 -30.76 9.49 5.20
CA LYS A 410 -31.33 8.18 5.62
C LYS A 410 -32.85 8.33 5.81
N ASP A 411 -33.27 9.40 6.49
CA ASP A 411 -34.70 9.69 6.80
C ASP A 411 -35.45 9.94 5.50
N LEU A 412 -34.79 10.58 4.53
CA LEU A 412 -35.37 10.87 3.18
C LEU A 412 -35.61 9.55 2.44
N LEU A 413 -34.63 8.67 2.42
CA LEU A 413 -34.79 7.36 1.74
C LEU A 413 -35.90 6.57 2.44
N LEU A 414 -35.90 6.51 3.77
CA LEU A 414 -36.92 5.77 4.55
C LEU A 414 -38.30 6.36 4.26
N TYR A 415 -38.41 7.70 4.23
CA TYR A 415 -39.67 8.41 3.87
C TYR A 415 -40.17 7.92 2.50
N SER A 416 -39.34 8.02 1.45
CA SER A 416 -39.72 7.61 0.07
C SER A 416 -40.30 6.21 0.14
N ILE A 417 -39.75 5.36 1.00
CA ILE A 417 -40.19 3.94 1.07
C ILE A 417 -41.52 3.82 1.83
N PHE A 418 -41.67 4.49 2.98
CA PHE A 418 -42.90 4.45 3.80
C PHE A 418 -44.12 4.97 3.02
N GLU A 419 -43.93 5.88 2.06
CA GLU A 419 -45.00 6.52 1.25
C GLU A 419 -45.47 5.61 0.10
N SER A 420 -44.71 4.57 -0.21
CA SER A 420 -44.92 3.70 -1.37
C SER A 420 -46.05 2.71 -1.08
N GLN A 421 -46.70 2.22 -2.13
CA GLN A 421 -47.74 1.15 -2.05
C GLN A 421 -47.05 -0.16 -1.65
N ALA A 422 -45.83 -0.42 -2.12
CA ALA A 422 -45.10 -1.65 -1.76
C ALA A 422 -44.96 -1.73 -0.23
N TYR A 423 -44.64 -0.63 0.43
CA TYR A 423 -44.54 -0.63 1.92
C TYR A 423 -45.92 -0.82 2.53
N LYS A 424 -46.92 -0.08 2.03
CA LYS A 424 -48.28 -0.04 2.65
C LYS A 424 -48.95 -1.41 2.50
N LYS A 425 -48.69 -2.12 1.40
CA LYS A 425 -49.24 -3.47 1.11
C LYS A 425 -48.45 -4.55 1.88
N GLY A 426 -47.35 -4.19 2.56
CA GLY A 426 -46.48 -5.14 3.29
C GLY A 426 -45.58 -6.00 2.39
N TYR A 427 -45.34 -5.60 1.15
CA TYR A 427 -44.41 -6.31 0.23
C TYR A 427 -42.97 -6.06 0.67
N VAL A 428 -42.70 -4.92 1.32
CA VAL A 428 -41.31 -4.56 1.73
C VAL A 428 -41.32 -3.94 3.12
N ASP A 429 -40.15 -3.94 3.74
CA ASP A 429 -39.87 -3.32 5.07
C ASP A 429 -38.40 -2.88 5.06
N VAL A 430 -38.05 -2.01 6.00
CA VAL A 430 -36.73 -1.33 6.15
C VAL A 430 -36.35 -1.42 7.62
N ILE A 431 -35.17 -1.91 7.95
CA ILE A 431 -34.50 -1.66 9.25
C ILE A 431 -34.03 -0.20 9.28
N ASP A 432 -34.35 0.51 10.36
CA ASP A 432 -33.83 1.87 10.63
C ASP A 432 -32.39 1.77 11.15
N PRO A 433 -31.36 2.16 10.37
CA PRO A 433 -29.97 2.06 10.83
C PRO A 433 -29.67 3.12 11.89
N LYS A 434 -28.83 2.78 12.88
CA LYS A 434 -28.45 3.65 14.03
C LYS A 434 -27.16 4.40 13.70
N ALA A 435 -26.47 3.99 12.65
CA ALA A 435 -25.20 4.61 12.22
C ALA A 435 -24.92 4.23 10.77
N GLY A 436 -24.09 5.03 10.13
CA GLY A 436 -23.43 4.65 8.88
C GLY A 436 -24.24 5.06 7.67
N MET A 437 -24.19 4.24 6.62
CA MET A 437 -24.65 4.64 5.27
C MET A 437 -25.46 3.52 4.62
N PHE A 438 -25.80 2.45 5.33
CA PHE A 438 -26.49 1.30 4.70
C PHE A 438 -27.87 1.07 5.35
N VAL A 439 -28.83 0.63 4.52
CA VAL A 439 -30.21 0.24 4.91
C VAL A 439 -30.49 -1.16 4.39
N THR A 440 -30.87 -2.07 5.28
CA THR A 440 -31.52 -3.36 4.93
C THR A 440 -32.93 -3.08 4.45
N PHE A 441 -33.19 -3.45 3.20
CA PHE A 441 -34.49 -3.37 2.49
C PHE A 441 -35.01 -4.79 2.35
N LYS A 442 -36.00 -5.14 3.15
CA LYS A 442 -36.54 -6.51 3.22
C LYS A 442 -37.59 -6.68 2.13
N ILE A 443 -37.64 -7.89 1.57
CA ILE A 443 -38.64 -8.35 0.57
C ILE A 443 -39.47 -9.47 1.21
N ASN A 444 -40.75 -9.21 1.51
CA ASN A 444 -41.62 -10.21 2.17
C ASN A 444 -42.10 -11.21 1.10
N LEU A 445 -41.19 -12.06 0.61
CA LEU A 445 -41.53 -13.18 -0.30
C LEU A 445 -42.40 -14.16 0.47
N PRO A 446 -43.36 -14.85 -0.15
CA PRO A 446 -44.05 -15.94 0.53
C PRO A 446 -43.01 -16.96 1.02
N LYS A 447 -43.24 -17.55 2.19
CA LYS A 447 -42.31 -18.44 2.92
C LYS A 447 -41.82 -19.60 2.03
N ASP A 448 -42.65 -20.06 1.07
CA ASP A 448 -42.44 -21.36 0.37
C ASP A 448 -41.79 -21.16 -1.00
N VAL A 449 -41.57 -19.91 -1.45
CA VAL A 449 -40.86 -19.66 -2.75
C VAL A 449 -39.36 -19.78 -2.52
N ASP A 450 -38.64 -20.00 -3.61
CA ASP A 450 -37.16 -20.11 -3.65
C ASP A 450 -36.61 -18.67 -3.46
N VAL A 451 -36.02 -18.36 -2.29
CA VAL A 451 -35.52 -16.98 -1.98
C VAL A 451 -34.56 -16.53 -3.10
N LEU A 452 -33.56 -17.35 -3.43
CA LEU A 452 -32.49 -16.98 -4.39
C LEU A 452 -33.09 -16.80 -5.78
N GLN A 453 -33.92 -17.73 -6.25
CA GLN A 453 -34.54 -17.66 -7.60
C GLN A 453 -35.30 -16.32 -7.66
N LYS A 454 -36.17 -16.03 -6.69
CA LYS A 454 -37.09 -14.87 -6.79
C LYS A 454 -36.32 -13.57 -6.61
N MET A 455 -35.29 -13.55 -5.73
CA MET A 455 -34.51 -12.31 -5.47
C MET A 455 -33.65 -11.93 -6.70
N LYS A 456 -33.12 -12.92 -7.45
CA LYS A 456 -32.37 -12.72 -8.73
C LYS A 456 -33.32 -12.09 -9.76
N LEU A 457 -34.48 -12.70 -9.92
CA LEU A 457 -35.55 -12.23 -10.84
C LEU A 457 -35.91 -10.78 -10.47
N LEU A 458 -36.18 -10.49 -9.19
CA LEU A 458 -36.53 -9.13 -8.67
C LEU A 458 -35.37 -8.15 -8.90
N LEU A 459 -34.11 -8.59 -8.81
CA LEU A 459 -32.97 -7.70 -9.10
C LEU A 459 -32.98 -7.28 -10.58
N TRP A 460 -33.26 -8.20 -11.51
CA TRP A 460 -33.38 -7.87 -12.96
C TRP A 460 -34.45 -6.79 -13.15
N LYS A 461 -35.60 -6.93 -12.47
CA LYS A 461 -36.71 -5.95 -12.45
C LYS A 461 -36.23 -4.59 -11.90
N LEU A 462 -35.48 -4.57 -10.80
CA LEU A 462 -34.93 -3.30 -10.26
C LEU A 462 -34.05 -2.66 -11.35
N ILE A 463 -33.23 -3.44 -12.04
CA ILE A 463 -32.27 -2.86 -13.04
C ILE A 463 -33.08 -2.28 -14.21
N SER A 464 -34.14 -2.97 -14.65
CA SER A 464 -35.02 -2.49 -15.76
C SER A 464 -35.68 -1.18 -15.32
N TYR A 465 -35.93 -1.01 -14.03
CA TYR A 465 -36.56 0.22 -13.48
C TYR A 465 -35.51 1.31 -13.19
N GLY A 466 -34.21 1.04 -13.42
CA GLY A 466 -33.16 2.08 -13.34
C GLY A 466 -32.82 2.40 -11.90
N ILE A 467 -32.75 1.35 -11.06
CA ILE A 467 -32.29 1.43 -9.64
C ILE A 467 -31.34 0.26 -9.40
N LEU A 468 -30.12 0.57 -8.96
CA LEU A 468 -29.03 -0.40 -8.69
C LEU A 468 -28.84 -0.53 -7.17
N VAL A 469 -28.94 -1.76 -6.69
CA VAL A 469 -28.79 -2.13 -5.26
C VAL A 469 -27.87 -3.35 -5.21
N VAL A 470 -27.42 -3.76 -4.01
CA VAL A 470 -26.65 -5.02 -3.80
C VAL A 470 -27.57 -6.06 -3.15
N PRO A 471 -27.76 -7.24 -3.77
CA PRO A 471 -28.49 -8.32 -3.11
C PRO A 471 -27.70 -8.93 -1.94
N GLY A 472 -28.39 -9.21 -0.84
CA GLY A 472 -27.76 -9.76 0.37
C GLY A 472 -27.02 -11.06 0.07
N TYR A 473 -27.50 -11.86 -0.89
CA TYR A 473 -26.93 -13.18 -1.21
C TYR A 473 -25.51 -13.03 -1.79
N ASN A 474 -25.12 -11.84 -2.22
CA ASN A 474 -23.76 -11.56 -2.74
C ASN A 474 -22.82 -11.27 -1.58
N MET A 475 -23.30 -11.20 -0.34
CA MET A 475 -22.41 -10.76 0.75
C MET A 475 -22.40 -11.80 1.86
N THR A 476 -22.52 -13.07 1.48
CA THR A 476 -22.57 -14.19 2.45
C THR A 476 -21.18 -14.76 2.65
N VAL A 477 -20.97 -15.32 3.83
CA VAL A 477 -19.84 -16.23 4.09
C VAL A 477 -20.12 -17.55 3.38
N ASP A 478 -21.33 -18.08 3.59
CA ASP A 478 -21.82 -19.38 3.05
C ASP A 478 -23.29 -19.19 2.63
N LEU A 479 -23.53 -19.34 1.34
CA LEU A 479 -24.81 -19.03 0.65
C LEU A 479 -25.90 -19.99 1.14
N GLU A 480 -25.63 -21.29 1.16
CA GLU A 480 -26.61 -22.30 1.64
C GLU A 480 -26.99 -22.00 3.10
N PHE A 481 -26.01 -21.65 3.94
CA PHE A 481 -26.30 -21.36 5.36
C PHE A 481 -27.25 -20.15 5.45
N SER A 482 -27.09 -19.12 4.61
CA SER A 482 -27.77 -17.83 4.82
C SER A 482 -28.96 -17.61 3.88
N LYS A 483 -29.27 -18.52 2.95
CA LYS A 483 -30.24 -18.28 1.85
C LYS A 483 -31.59 -17.83 2.43
N ASP A 484 -32.05 -18.45 3.53
CA ASP A 484 -33.41 -18.20 4.09
C ASP A 484 -33.50 -16.76 4.59
N ARG A 485 -32.37 -16.05 4.80
CA ARG A 485 -32.36 -14.65 5.33
C ARG A 485 -31.80 -13.69 4.28
N SER A 486 -31.72 -14.12 3.01
CA SER A 486 -31.12 -13.39 1.86
C SER A 486 -32.19 -12.61 1.11
N ASN A 487 -33.41 -12.61 1.65
CA ASN A 487 -34.56 -11.86 1.08
C ASN A 487 -34.40 -10.38 1.45
N PHE A 488 -33.28 -9.76 1.09
CA PHE A 488 -33.11 -8.31 1.27
C PHE A 488 -32.06 -7.77 0.31
N PHE A 489 -32.14 -6.46 0.02
CA PHE A 489 -31.11 -5.66 -0.68
C PHE A 489 -30.57 -4.62 0.31
N ARG A 490 -29.27 -4.36 0.21
CA ARG A 490 -28.58 -3.29 0.90
C ARG A 490 -28.79 -2.04 0.06
N LEU A 491 -29.11 -0.91 0.69
CA LEU A 491 -29.26 0.40 0.00
C LEU A 491 -28.20 1.29 0.60
N CYS A 492 -27.63 2.17 -0.21
CA CYS A 492 -26.62 3.11 0.25
C CYS A 492 -27.00 4.48 -0.26
N TYR A 493 -27.21 5.41 0.67
CA TYR A 493 -27.66 6.79 0.40
C TYR A 493 -26.46 7.74 0.44
N ALA A 494 -25.22 7.23 0.42
CA ALA A 494 -23.99 8.04 0.45
C ALA A 494 -23.60 8.62 -0.92
N LEU A 495 -23.89 7.91 -2.03
CA LEU A 495 -23.43 8.32 -3.39
C LEU A 495 -24.28 9.46 -3.99
N ALA A 496 -25.59 9.56 -3.68
CA ALA A 496 -26.54 10.49 -4.34
C ALA A 496 -25.99 11.92 -4.28
N ASN A 497 -26.15 12.65 -5.38
CA ASN A 497 -25.75 14.07 -5.54
C ASN A 497 -26.65 14.98 -4.70
N ASN A 498 -27.93 14.65 -4.54
CA ASN A 498 -28.95 15.56 -3.96
C ASN A 498 -30.17 14.77 -3.47
N ASP A 499 -31.07 15.48 -2.80
CA ASP A 499 -32.36 15.00 -2.24
C ASP A 499 -33.21 14.37 -3.35
N GLU A 500 -33.29 15.01 -4.51
CA GLU A 500 -34.15 14.59 -5.65
C GLU A 500 -33.73 13.17 -6.08
N GLU A 501 -32.44 12.86 -6.10
CA GLU A 501 -31.98 11.51 -6.52
C GLU A 501 -32.40 10.47 -5.47
N ILE A 502 -32.41 10.84 -4.19
CA ILE A 502 -32.72 9.87 -3.10
C ILE A 502 -34.19 9.51 -3.25
N LEU A 503 -35.06 10.53 -3.39
CA LEU A 503 -36.53 10.35 -3.49
C LEU A 503 -36.85 9.56 -4.77
N GLU A 504 -36.20 9.89 -5.88
CA GLU A 504 -36.44 9.15 -7.15
C GLU A 504 -35.96 7.70 -6.96
N SER A 505 -34.85 7.50 -6.23
CA SER A 505 -34.27 6.15 -5.99
C SER A 505 -35.26 5.24 -5.27
N GLY A 506 -35.78 5.70 -4.13
CA GLY A 506 -36.81 5.00 -3.35
C GLY A 506 -38.06 4.75 -4.17
N LYS A 507 -38.41 5.66 -5.08
CA LYS A 507 -39.63 5.54 -5.92
C LYS A 507 -39.43 4.39 -6.90
N ARG A 508 -38.32 4.39 -7.63
CA ARG A 508 -37.99 3.34 -8.63
C ARG A 508 -37.91 1.97 -7.94
N LEU A 509 -37.31 1.94 -6.76
CA LEU A 509 -37.10 0.71 -5.97
C LEU A 509 -38.47 0.16 -5.62
N THR A 510 -39.32 1.02 -5.05
CA THR A 510 -40.64 0.62 -4.51
C THR A 510 -41.61 0.29 -5.65
N ASP A 511 -41.62 1.09 -6.74
CA ASP A 511 -42.40 0.77 -7.97
C ASP A 511 -41.97 -0.61 -8.52
N ALA A 512 -40.67 -0.84 -8.69
CA ALA A 512 -40.13 -2.11 -9.22
C ALA A 512 -40.70 -3.27 -8.40
N VAL A 513 -40.61 -3.21 -7.07
CA VAL A 513 -41.06 -4.36 -6.21
C VAL A 513 -42.59 -4.50 -6.34
N TYR A 514 -43.32 -3.38 -6.40
CA TYR A 514 -44.79 -3.41 -6.49
C TYR A 514 -45.17 -4.11 -7.81
N GLU A 515 -44.53 -3.76 -8.92
CA GLU A 515 -44.79 -4.41 -10.25
C GLU A 515 -44.53 -5.92 -10.11
N PHE A 516 -43.39 -6.29 -9.49
CA PHE A 516 -42.92 -7.70 -9.33
C PHE A 516 -43.94 -8.54 -8.58
N PHE A 517 -44.44 -8.05 -7.45
CA PHE A 517 -45.52 -8.70 -6.66
C PHE A 517 -46.87 -8.70 -7.43
N SER A 518 -47.25 -7.59 -8.07
CA SER A 518 -48.46 -7.47 -8.95
C SER A 518 -48.37 -8.52 -10.06
N ASN A 519 -47.17 -8.83 -10.54
CA ASN A 519 -46.93 -9.85 -11.59
C ASN A 519 -46.95 -11.29 -11.05
N GLY A 520 -47.28 -11.52 -9.78
CA GLY A 520 -47.18 -12.87 -9.19
C GLY A 520 -45.74 -13.35 -9.00
N LEU A 521 -44.81 -12.43 -8.72
CA LEU A 521 -43.35 -12.66 -8.45
C LEU A 521 -42.70 -13.12 -9.76
N GLU A 522 -42.89 -12.33 -10.81
CA GLU A 522 -42.45 -12.63 -12.20
C GLU A 522 -41.99 -11.30 -12.80
N PHE A 523 -41.12 -11.35 -13.80
CA PHE A 523 -40.58 -10.14 -14.47
C PHE A 523 -41.69 -9.46 -15.31
N HIS A 524 -42.40 -10.27 -16.13
CA HIS A 524 -43.67 -9.97 -16.89
C HIS A 524 -43.59 -8.59 -17.57
N SER B 2 4.97 -18.11 -26.76
CA SER B 2 4.78 -16.64 -26.86
C SER B 2 3.82 -16.12 -25.77
N ASP B 3 3.63 -16.86 -24.68
CA ASP B 3 3.11 -16.31 -23.39
C ASP B 3 3.83 -16.99 -22.24
N PRO B 4 3.83 -16.40 -21.02
CA PRO B 4 4.50 -16.97 -19.84
C PRO B 4 3.61 -17.64 -18.79
N THR B 5 2.42 -18.09 -19.19
CA THR B 5 1.46 -18.86 -18.34
C THR B 5 2.23 -19.92 -17.53
N HIS B 6 3.17 -20.64 -18.15
CA HIS B 6 3.86 -21.77 -17.46
C HIS B 6 4.68 -21.24 -16.26
N LEU B 7 5.06 -19.96 -16.25
CA LEU B 7 5.99 -19.42 -15.21
C LEU B 7 5.17 -18.84 -14.03
N ILE B 8 3.91 -18.52 -14.24
CA ILE B 8 3.07 -17.98 -13.13
C ILE B 8 2.91 -19.03 -12.02
N SER B 9 3.20 -18.64 -10.78
CA SER B 9 3.04 -19.46 -9.57
C SER B 9 1.59 -19.99 -9.51
N LYS B 10 1.44 -21.23 -9.08
CA LYS B 10 0.15 -21.88 -8.75
C LYS B 10 -0.61 -21.00 -7.77
N ARG B 11 0.08 -20.47 -6.77
CA ARG B 11 -0.51 -19.58 -5.73
C ARG B 11 -1.15 -18.36 -6.38
N ALA B 12 -0.39 -17.61 -7.18
CA ALA B 12 -0.94 -16.39 -7.84
C ALA B 12 -1.99 -16.75 -8.91
N ALA B 13 -1.85 -17.87 -9.62
CA ALA B 13 -2.85 -18.27 -10.65
C ALA B 13 -4.13 -18.76 -9.99
N GLY B 14 -4.05 -19.32 -8.78
CA GLY B 14 -5.21 -19.85 -8.03
C GLY B 14 -6.12 -18.76 -7.46
N ARG B 15 -5.60 -17.56 -7.23
CA ARG B 15 -6.43 -16.42 -6.72
C ARG B 15 -7.56 -16.11 -7.72
N THR B 16 -8.80 -15.96 -7.25
CA THR B 16 -9.98 -15.60 -8.09
C THR B 16 -10.02 -14.09 -8.33
N SER B 17 -10.91 -13.63 -9.22
CA SER B 17 -11.12 -12.22 -9.63
C SER B 17 -12.29 -11.58 -8.85
N VAL B 18 -12.39 -10.26 -8.93
CA VAL B 18 -13.47 -9.43 -8.30
C VAL B 18 -14.70 -10.32 -8.04
N PRO B 24 -25.59 -8.97 -12.11
CA PRO B 24 -25.95 -10.41 -12.09
C PRO B 24 -25.24 -11.20 -13.22
N SER B 25 -25.01 -12.50 -13.03
CA SER B 25 -24.22 -13.37 -13.94
C SER B 25 -25.12 -14.29 -14.79
N ASP B 26 -26.36 -14.62 -14.35
CA ASP B 26 -27.26 -15.60 -15.02
C ASP B 26 -27.94 -14.93 -16.23
N LYS B 27 -28.88 -15.63 -16.88
CA LYS B 27 -29.55 -15.17 -18.14
C LYS B 27 -30.67 -14.19 -17.79
N PRO B 28 -30.63 -12.92 -18.31
CA PRO B 28 -31.72 -11.98 -18.09
C PRO B 28 -33.01 -12.54 -18.69
N PRO B 29 -34.18 -12.22 -18.07
CA PRO B 29 -35.47 -12.64 -18.63
C PRO B 29 -35.73 -12.02 -20.01
N ALA B 30 -36.61 -12.65 -20.79
CA ALA B 30 -36.78 -12.45 -22.24
C ALA B 30 -36.97 -10.95 -22.55
N ASN B 31 -37.72 -10.26 -21.70
CA ASN B 31 -38.18 -8.89 -22.00
C ASN B 31 -37.32 -7.85 -21.28
N PHE B 32 -36.12 -8.22 -20.81
CA PHE B 32 -35.28 -7.31 -19.98
C PHE B 32 -34.55 -6.32 -20.88
N LYS B 33 -34.71 -5.03 -20.56
CA LYS B 33 -33.99 -3.89 -21.18
C LYS B 33 -33.43 -3.06 -20.03
N PRO B 34 -32.10 -2.83 -19.99
CA PRO B 34 -31.51 -1.99 -18.94
C PRO B 34 -32.02 -0.57 -19.16
N HIS B 35 -32.17 0.20 -18.07
CA HIS B 35 -32.66 1.59 -18.11
C HIS B 35 -31.47 2.43 -18.57
N GLU B 36 -31.72 3.52 -19.31
CA GLU B 36 -30.66 4.29 -20.02
C GLU B 36 -29.88 5.18 -19.04
N LYS B 37 -30.54 5.73 -18.01
CA LYS B 37 -29.90 6.51 -16.90
C LYS B 37 -30.33 5.95 -15.55
N PRO B 38 -29.69 4.84 -15.08
CA PRO B 38 -30.01 4.27 -13.78
C PRO B 38 -29.49 5.18 -12.67
N LEU B 39 -30.20 5.22 -11.53
CA LEU B 39 -29.65 5.74 -10.24
C LEU B 39 -29.14 4.56 -9.41
N ALA B 40 -28.11 4.80 -8.61
CA ALA B 40 -27.38 3.78 -7.83
C ALA B 40 -27.64 3.99 -6.33
N LEU B 41 -28.06 2.94 -5.64
CA LEU B 41 -28.03 2.83 -4.15
C LEU B 41 -27.09 1.68 -3.79
N SER B 42 -26.17 1.32 -4.69
CA SER B 42 -25.38 0.06 -4.59
C SER B 42 -24.08 0.29 -3.80
N TYR B 43 -23.13 1.00 -4.37
CA TYR B 43 -21.71 1.03 -3.90
C TYR B 43 -21.61 1.97 -2.69
N GLY B 44 -20.80 1.61 -1.68
CA GLY B 44 -20.53 2.38 -0.46
C GLY B 44 -19.51 3.49 -0.68
N MET B 45 -19.74 4.35 -1.68
CA MET B 45 -18.89 5.51 -2.05
C MET B 45 -19.56 6.79 -1.57
N PRO B 46 -18.89 7.64 -0.77
CA PRO B 46 -19.44 8.93 -0.46
C PRO B 46 -19.33 9.73 -1.75
N ASN B 47 -20.40 10.43 -2.10
CA ASN B 47 -20.39 11.50 -3.13
C ASN B 47 -19.22 12.46 -2.88
N HIS B 48 -18.56 12.94 -3.93
CA HIS B 48 -17.40 13.88 -3.82
C HIS B 48 -17.75 15.13 -3.02
N GLY B 49 -19.03 15.51 -2.88
CA GLY B 49 -19.45 16.68 -2.09
C GLY B 49 -19.01 16.59 -0.62
N PHE B 50 -18.85 15.37 -0.11
CA PHE B 50 -18.40 15.09 1.27
C PHE B 50 -16.89 15.36 1.46
N PHE B 51 -16.09 15.46 0.40
CA PHE B 51 -14.62 15.54 0.52
C PHE B 51 -14.22 16.93 1.02
N PRO B 52 -13.37 17.03 2.07
CA PRO B 52 -12.95 18.32 2.59
C PRO B 52 -12.15 19.17 1.58
N ILE B 53 -11.48 18.54 0.62
CA ILE B 53 -10.50 19.20 -0.30
C ILE B 53 -11.23 19.52 -1.60
N ASP B 54 -11.34 20.80 -1.95
CA ASP B 54 -12.00 21.31 -3.18
C ASP B 54 -10.97 21.50 -4.33
N SER B 55 -9.75 21.94 -4.01
CA SER B 55 -8.67 22.12 -5.01
C SER B 55 -7.29 22.08 -4.34
N ILE B 56 -6.25 21.83 -5.13
CA ILE B 56 -4.83 21.72 -4.66
C ILE B 56 -3.96 22.50 -5.66
N ASP B 57 -3.09 23.35 -5.13
CA ASP B 57 -2.03 24.04 -5.91
C ASP B 57 -0.74 23.36 -5.53
N VAL B 58 -0.05 22.80 -6.52
CA VAL B 58 1.25 22.09 -6.32
C VAL B 58 2.30 23.03 -6.90
N ASN B 59 3.14 23.59 -6.03
CA ASN B 59 4.15 24.62 -6.36
C ASN B 59 5.52 23.93 -6.49
N LEU B 60 6.17 24.13 -7.64
CA LEU B 60 7.31 23.29 -8.10
C LEU B 60 8.60 24.11 -8.19
N VAL B 61 9.70 23.40 -8.29
CA VAL B 61 11.03 23.95 -8.65
C VAL B 61 11.21 23.66 -10.14
N ASP B 62 12.07 24.43 -10.81
CA ASP B 62 12.39 24.27 -12.25
C ASP B 62 13.60 23.35 -12.40
N TYR B 63 14.46 23.31 -11.38
CA TYR B 63 15.70 22.50 -11.38
C TYR B 63 15.97 22.08 -9.95
N PRO B 64 16.60 20.90 -9.75
CA PRO B 64 16.98 20.47 -8.41
C PRO B 64 17.80 21.56 -7.71
N PHE B 65 17.54 21.76 -6.41
CA PHE B 65 18.26 22.70 -5.51
C PHE B 65 17.92 24.17 -5.82
N GLN B 66 16.92 24.46 -6.66
CA GLN B 66 16.41 25.85 -6.83
C GLN B 66 15.94 26.39 -5.47
N LYS B 67 16.31 27.64 -5.15
CA LYS B 67 15.92 28.39 -3.92
C LYS B 67 14.78 29.35 -4.29
N ILE B 68 13.59 29.16 -3.69
CA ILE B 68 12.33 29.89 -4.04
C ILE B 68 12.16 31.08 -3.08
N HIS B 104 11.41 37.94 -12.19
CA HIS B 104 12.05 37.54 -13.46
C HIS B 104 11.22 36.41 -14.10
N THR B 105 10.97 35.33 -13.37
CA THR B 105 10.09 34.19 -13.79
C THR B 105 9.13 33.89 -12.64
N PRO B 106 7.79 33.88 -12.88
CA PRO B 106 6.85 33.27 -11.93
C PRO B 106 7.22 31.80 -11.61
N GLN B 107 6.95 31.37 -10.37
CA GLN B 107 7.12 29.98 -9.93
C GLN B 107 6.14 29.10 -10.72
N SER B 108 6.59 27.91 -11.11
CA SER B 108 5.76 26.88 -11.78
C SER B 108 4.79 26.32 -10.73
N THR B 109 3.51 26.27 -11.08
CA THR B 109 2.44 25.76 -10.20
C THR B 109 1.45 24.97 -11.05
N VAL B 110 0.96 23.86 -10.52
CA VAL B 110 -0.14 23.08 -11.13
C VAL B 110 -1.36 23.19 -10.21
N HIS B 111 -2.51 23.53 -10.78
CA HIS B 111 -3.80 23.59 -10.05
C HIS B 111 -4.60 22.31 -10.34
N ILE B 112 -4.99 21.62 -9.29
CA ILE B 112 -5.80 20.38 -9.38
C ILE B 112 -7.21 20.73 -8.91
N SER B 113 -8.16 20.75 -9.84
CA SER B 113 -9.58 21.15 -9.60
C SER B 113 -10.43 19.92 -9.26
N ARG B 114 -11.61 20.16 -8.68
CA ARG B 114 -12.60 19.11 -8.38
C ARG B 114 -12.91 18.34 -9.67
N HIS B 115 -13.05 19.03 -10.80
CA HIS B 115 -13.55 18.43 -12.07
C HIS B 115 -12.63 18.81 -13.23
N THR B 116 -12.39 17.86 -14.13
CA THR B 116 -11.66 18.08 -15.40
C THR B 116 -12.31 17.23 -16.49
N THR B 117 -12.18 17.66 -17.76
CA THR B 117 -12.53 16.86 -18.97
C THR B 117 -11.27 16.56 -19.79
N ASP B 118 -10.09 16.94 -19.28
CA ASP B 118 -8.82 16.61 -19.96
C ASP B 118 -8.50 15.14 -19.68
N PRO B 119 -8.54 14.23 -20.68
CA PRO B 119 -8.27 12.82 -20.45
C PRO B 119 -6.85 12.47 -19.96
N LYS B 120 -5.96 13.45 -19.87
CA LYS B 120 -4.56 13.23 -19.48
C LYS B 120 -4.37 13.69 -18.03
N LEU B 121 -5.44 14.23 -17.41
CA LEU B 121 -5.42 14.73 -16.01
C LEU B 121 -6.37 13.90 -15.15
N ILE B 122 -6.06 13.82 -13.86
CA ILE B 122 -6.97 13.27 -12.82
C ILE B 122 -7.50 14.45 -12.01
N ASP B 123 -8.82 14.57 -11.88
CA ASP B 123 -9.48 15.58 -11.02
C ASP B 123 -9.65 14.99 -9.61
N LEU B 124 -10.02 15.83 -8.64
CA LEU B 124 -10.15 15.36 -7.24
C LEU B 124 -11.45 14.57 -7.09
N ALA B 125 -12.49 14.84 -7.87
CA ALA B 125 -13.76 14.06 -7.83
C ALA B 125 -13.45 12.58 -8.05
N ARG B 126 -12.60 12.25 -9.00
CA ARG B 126 -12.17 10.85 -9.21
C ARG B 126 -10.94 10.50 -8.35
N GLY B 127 -10.01 11.44 -8.17
CA GLY B 127 -8.73 11.19 -7.47
C GLY B 127 -8.94 10.81 -6.02
N LEU B 128 -9.92 11.45 -5.38
CA LEU B 128 -10.31 11.18 -3.98
C LEU B 128 -11.41 10.13 -3.86
N GLN B 129 -11.93 9.61 -4.98
CA GLN B 129 -12.93 8.51 -4.97
C GLN B 129 -12.22 7.16 -5.15
N TYR B 130 -12.87 6.07 -4.71
CA TYR B 130 -12.53 4.66 -5.02
C TYR B 130 -12.16 4.57 -6.50
N ALA B 131 -11.05 3.90 -6.79
CA ALA B 131 -10.49 3.76 -8.15
C ALA B 131 -10.13 2.30 -8.44
N ALA B 132 -9.97 1.92 -9.70
CA ALA B 132 -9.47 0.58 -10.09
C ALA B 132 -8.13 0.36 -9.38
N VAL B 133 -7.94 -0.86 -8.88
CA VAL B 133 -6.77 -1.21 -8.02
C VAL B 133 -5.47 -1.09 -8.83
N GLU B 134 -5.52 -1.31 -10.15
CA GLU B 134 -4.35 -1.25 -11.06
C GLU B 134 -3.90 0.20 -11.29
N GLY B 135 -4.75 1.17 -10.99
CA GLY B 135 -4.37 2.59 -11.01
C GLY B 135 -5.32 3.42 -11.84
N HIS B 136 -5.21 4.74 -11.72
CA HIS B 136 -5.96 5.71 -12.55
C HIS B 136 -5.47 5.63 -14.00
N ALA B 137 -6.36 5.81 -14.96
CA ALA B 137 -6.15 5.55 -16.39
C ALA B 137 -5.07 6.49 -16.93
N PRO B 138 -5.13 7.80 -16.66
CA PRO B 138 -4.11 8.71 -17.20
C PRO B 138 -2.68 8.40 -16.70
N LEU B 139 -2.55 7.78 -15.53
CA LEU B 139 -1.21 7.50 -14.97
C LEU B 139 -0.71 6.21 -15.60
N LEU B 140 -1.61 5.23 -15.76
CA LEU B 140 -1.30 3.98 -16.48
C LEU B 140 -0.87 4.35 -17.91
N GLN B 141 -1.62 5.22 -18.61
CA GLN B 141 -1.27 5.58 -20.01
C GLN B 141 0.11 6.25 -20.02
N PHE B 142 0.37 7.20 -19.12
CA PHE B 142 1.70 7.88 -19.06
C PHE B 142 2.81 6.84 -18.91
N ALA B 143 2.63 5.86 -18.02
CA ALA B 143 3.64 4.77 -17.81
C ALA B 143 3.80 3.95 -19.11
N ARG B 144 2.73 3.59 -19.82
CA ARG B 144 2.86 2.89 -21.14
C ARG B 144 3.74 3.75 -22.07
N ASP B 145 3.38 5.02 -22.24
CA ASP B 145 4.01 5.95 -23.20
C ASP B 145 5.49 6.11 -22.87
N PHE B 146 5.81 6.23 -21.58
CA PHE B 146 7.19 6.40 -21.04
C PHE B 146 8.01 5.17 -21.37
N ILE B 147 7.46 3.98 -21.14
CA ILE B 147 8.15 2.68 -21.42
C ILE B 147 8.27 2.50 -22.95
N ILE B 148 7.27 2.86 -23.73
CA ILE B 148 7.39 2.81 -25.22
C ILE B 148 8.58 3.69 -25.63
N ARG B 149 8.71 4.90 -25.07
CA ARG B 149 9.78 5.85 -25.43
C ARG B 149 11.16 5.29 -25.01
N THR B 150 11.29 4.77 -23.78
CA THR B 150 12.62 4.48 -23.16
C THR B 150 13.04 3.01 -23.37
N HIS B 151 12.10 2.07 -23.34
CA HIS B 151 12.40 0.62 -23.17
C HIS B 151 11.31 -0.27 -23.77
N LYS B 152 10.93 -0.05 -25.03
CA LYS B 152 9.79 -0.72 -25.71
C LYS B 152 9.97 -2.24 -25.63
N PRO B 153 9.04 -3.00 -25.02
CA PRO B 153 9.09 -4.46 -25.08
C PRO B 153 9.08 -4.99 -26.53
N ASN B 154 9.74 -6.11 -26.76
CA ASN B 154 9.87 -6.72 -28.10
C ASN B 154 8.71 -7.69 -28.33
N TYR B 155 7.48 -7.33 -27.90
CA TYR B 155 6.24 -8.12 -28.08
C TYR B 155 5.08 -7.20 -27.71
N ASP B 156 3.84 -7.60 -27.99
CA ASP B 156 2.67 -6.68 -28.04
C ASP B 156 1.75 -6.84 -26.82
N ASP B 157 1.79 -7.99 -26.14
CA ASP B 157 0.82 -8.42 -25.11
C ASP B 157 1.31 -8.10 -23.69
N TRP B 158 1.85 -6.90 -23.51
CA TRP B 158 2.37 -6.41 -22.21
C TRP B 158 1.39 -5.38 -21.67
N ASN B 159 1.53 -5.09 -20.38
CA ASN B 159 0.72 -4.04 -19.71
C ASN B 159 1.49 -3.48 -18.51
N VAL B 160 1.02 -2.36 -17.96
CA VAL B 160 1.60 -1.74 -16.76
C VAL B 160 0.57 -1.88 -15.62
N PHE B 161 1.02 -1.69 -14.39
CA PHE B 161 0.24 -1.77 -13.14
C PHE B 161 0.87 -0.81 -12.11
N ILE B 162 0.09 0.14 -11.61
CA ILE B 162 0.59 1.13 -10.61
C ILE B 162 0.84 0.38 -9.30
N THR B 163 2.04 0.58 -8.73
CA THR B 163 2.47 0.02 -7.42
C THR B 163 2.71 1.13 -6.41
N THR B 164 3.08 0.75 -5.20
CA THR B 164 3.43 1.73 -4.14
C THR B 164 4.96 1.87 -4.05
N GLY B 165 5.70 1.51 -5.09
CA GLY B 165 7.15 1.68 -5.18
C GLY B 165 7.87 0.43 -5.66
N ALA B 166 9.19 0.44 -5.63
CA ALA B 166 10.01 -0.67 -6.14
C ALA B 166 9.81 -1.94 -5.29
N SER B 167 9.88 -1.80 -3.96
CA SER B 167 9.72 -2.90 -2.99
C SER B 167 8.33 -3.55 -3.12
N ASP B 168 7.30 -2.74 -3.33
CA ASP B 168 5.96 -3.24 -3.68
C ASP B 168 5.98 -4.04 -5.00
N GLY B 169 6.58 -3.49 -6.06
CA GLY B 169 6.78 -4.20 -7.36
C GLY B 169 7.51 -5.53 -7.20
N LEU B 170 8.59 -5.54 -6.42
CA LEU B 170 9.43 -6.75 -6.14
C LEU B 170 8.65 -7.82 -5.38
N ASN B 171 7.79 -7.43 -4.44
CA ASN B 171 6.95 -8.39 -3.70
C ASN B 171 5.89 -8.96 -4.64
N LYS B 172 5.31 -8.11 -5.48
CA LYS B 172 4.35 -8.52 -6.52
C LYS B 172 5.02 -9.56 -7.44
N ALA B 173 6.28 -9.34 -7.83
CA ALA B 173 7.00 -10.20 -8.78
C ALA B 173 7.38 -11.51 -8.09
N ALA B 174 7.92 -11.46 -6.88
CA ALA B 174 8.23 -12.67 -6.11
C ALA B 174 6.95 -13.51 -5.98
N ASP B 175 5.83 -12.89 -5.66
CA ASP B 175 4.54 -13.62 -5.51
C ASP B 175 4.13 -14.27 -6.83
N VAL B 176 4.18 -13.55 -7.95
CA VAL B 176 3.60 -13.99 -9.24
C VAL B 176 4.48 -15.09 -9.85
N PHE B 177 5.78 -15.17 -9.53
CA PHE B 177 6.70 -16.18 -10.14
C PHE B 177 7.09 -17.31 -9.18
N LEU B 178 7.07 -17.14 -7.85
CA LEU B 178 7.67 -18.15 -6.95
C LEU B 178 6.59 -18.86 -6.10
N ASP B 179 6.47 -20.17 -6.26
CA ASP B 179 5.69 -21.03 -5.34
C ASP B 179 6.59 -21.41 -4.18
N ASP B 180 5.97 -21.93 -3.12
CA ASP B 180 6.65 -22.53 -1.94
C ASP B 180 7.60 -23.62 -2.44
N GLY B 181 8.89 -23.56 -2.07
CA GLY B 181 9.89 -24.54 -2.49
C GLY B 181 10.70 -24.10 -3.70
N ASP B 182 10.24 -23.11 -4.46
CA ASP B 182 10.99 -22.66 -5.67
C ASP B 182 12.32 -22.02 -5.26
N VAL B 183 13.26 -21.99 -6.20
CA VAL B 183 14.57 -21.33 -6.03
C VAL B 183 14.57 -20.02 -6.84
N ILE B 184 15.02 -18.91 -6.25
CA ILE B 184 15.31 -17.70 -7.05
C ILE B 184 16.80 -17.43 -6.94
N LEU B 185 17.39 -17.16 -8.10
CA LEU B 185 18.79 -16.75 -8.28
C LEU B 185 18.88 -15.27 -7.94
N VAL B 186 19.72 -14.91 -6.97
CA VAL B 186 19.89 -13.51 -6.53
C VAL B 186 21.37 -13.15 -6.59
N GLU B 187 21.68 -11.96 -7.12
CA GLU B 187 23.05 -11.36 -7.04
C GLU B 187 23.54 -11.44 -5.59
N GLU B 188 24.75 -11.95 -5.39
CA GLU B 188 25.31 -12.33 -4.06
C GLU B 188 25.35 -11.11 -3.15
N PHE B 189 25.56 -9.90 -3.70
CA PHE B 189 25.29 -8.62 -3.01
C PHE B 189 24.07 -8.02 -3.70
N THR B 190 23.07 -7.64 -2.90
CA THR B 190 21.74 -7.28 -3.44
C THR B 190 21.05 -6.24 -2.55
N PHE B 191 19.88 -5.81 -3.01
CA PHE B 191 18.86 -5.10 -2.23
C PHE B 191 18.22 -6.10 -1.26
N SER B 192 18.81 -6.18 -0.07
CA SER B 192 18.43 -7.02 1.10
C SER B 192 16.92 -7.19 1.26
N PRO B 193 16.09 -6.13 1.23
CA PRO B 193 14.67 -6.33 1.49
C PRO B 193 14.04 -7.34 0.51
N PHE B 194 14.58 -7.48 -0.70
CA PHE B 194 14.09 -8.49 -1.67
C PHE B 194 13.96 -9.88 -1.03
N LEU B 195 14.93 -10.27 -0.22
CA LEU B 195 14.93 -11.62 0.41
C LEU B 195 13.70 -11.78 1.31
N ARG B 196 13.14 -10.70 1.85
CA ARG B 196 11.91 -10.82 2.67
C ARG B 196 10.75 -11.27 1.76
N PHE B 197 10.70 -10.73 0.54
CA PHE B 197 9.60 -10.99 -0.42
C PHE B 197 9.76 -12.41 -1.00
N SER B 198 10.98 -12.84 -1.30
CA SER B 198 11.22 -14.21 -1.80
C SER B 198 10.91 -15.18 -0.63
N ASP B 199 11.39 -14.88 0.57
CA ASP B 199 11.09 -15.70 1.78
C ASP B 199 9.55 -15.81 1.96
N ASN B 200 8.83 -14.70 1.82
CA ASN B 200 7.34 -14.67 1.89
C ASN B 200 6.73 -15.64 0.88
N ALA B 201 7.34 -15.83 -0.29
CA ALA B 201 6.73 -16.64 -1.37
C ALA B 201 7.07 -18.10 -1.12
N GLY B 202 7.88 -18.37 -0.09
CA GLY B 202 8.41 -19.71 0.27
C GLY B 202 9.63 -20.14 -0.55
N ALA B 203 10.30 -19.23 -1.25
CA ALA B 203 11.41 -19.54 -2.19
C ALA B 203 12.75 -19.49 -1.45
N LYS B 204 13.71 -20.30 -1.89
CA LYS B 204 15.13 -20.22 -1.42
C LYS B 204 15.92 -19.29 -2.37
N ALA B 205 16.68 -18.37 -1.79
CA ALA B 205 17.62 -17.49 -2.50
C ALA B 205 18.96 -18.22 -2.68
N VAL B 206 19.40 -18.37 -3.93
CA VAL B 206 20.75 -18.92 -4.27
C VAL B 206 21.57 -17.77 -4.82
N PRO B 207 22.73 -17.48 -4.19
CA PRO B 207 23.57 -16.36 -4.56
C PRO B 207 24.30 -16.59 -5.90
N VAL B 208 24.37 -15.56 -6.74
CA VAL B 208 25.06 -15.55 -8.05
C VAL B 208 26.27 -14.62 -7.90
N LYS B 209 27.49 -15.14 -8.05
CA LYS B 209 28.74 -14.38 -7.78
C LYS B 209 28.81 -13.14 -8.68
N ILE B 210 29.32 -12.06 -8.12
CA ILE B 210 29.60 -10.80 -8.84
C ILE B 210 31.08 -10.74 -9.12
N ASN B 211 31.43 -10.40 -10.35
CA ASN B 211 32.83 -10.13 -10.76
C ASN B 211 33.14 -8.68 -10.34
N PHE B 212 34.24 -8.44 -9.62
CA PHE B 212 34.64 -7.12 -9.06
C PHE B 212 35.77 -6.46 -9.84
N ASP B 213 36.14 -6.96 -11.03
CA ASP B 213 37.03 -6.24 -11.99
C ASP B 213 36.43 -4.88 -12.37
N ASN B 214 37.28 -3.91 -12.73
CA ASN B 214 36.82 -2.54 -13.06
C ASN B 214 35.90 -2.53 -14.30
N ASP B 215 36.03 -3.50 -15.19
CA ASP B 215 35.27 -3.60 -16.47
C ASP B 215 34.12 -4.60 -16.30
N SER B 216 33.79 -4.99 -15.07
CA SER B 216 32.76 -6.05 -14.80
C SER B 216 31.39 -5.57 -15.28
N ASP B 217 30.55 -6.48 -15.77
CA ASP B 217 29.12 -6.21 -16.04
C ASP B 217 28.31 -6.37 -14.75
N GLY B 218 28.93 -6.82 -13.67
CA GLY B 218 28.23 -7.26 -12.46
C GLY B 218 28.35 -8.76 -12.27
N ILE B 219 27.24 -9.48 -12.37
CA ILE B 219 27.24 -10.97 -12.40
C ILE B 219 28.50 -11.48 -13.12
N ASP B 220 29.16 -12.49 -12.54
CA ASP B 220 30.28 -13.21 -13.20
C ASP B 220 29.69 -14.25 -14.17
N LEU B 221 29.71 -13.97 -15.46
CA LEU B 221 29.00 -14.83 -16.45
C LEU B 221 29.56 -16.27 -16.41
N THR B 222 30.89 -16.43 -16.36
CA THR B 222 31.53 -17.78 -16.37
C THR B 222 30.97 -18.59 -15.20
N GLN B 223 30.88 -18.00 -13.99
CA GLN B 223 30.41 -18.72 -12.78
C GLN B 223 28.88 -18.90 -12.84
N PHE B 224 28.16 -18.03 -13.54
CA PHE B 224 26.70 -18.14 -13.73
C PHE B 224 26.42 -19.35 -14.63
N VAL B 225 27.02 -19.39 -15.82
CA VAL B 225 26.94 -20.57 -16.73
C VAL B 225 27.29 -21.85 -15.94
N ASP B 226 28.37 -21.86 -15.19
CA ASP B 226 28.84 -23.07 -14.46
C ASP B 226 27.74 -23.50 -13.47
N LEU B 227 27.18 -22.56 -12.71
CA LEU B 227 26.07 -22.83 -11.74
C LEU B 227 24.91 -23.49 -12.50
N LEU B 228 24.54 -22.97 -13.66
CA LEU B 228 23.37 -23.47 -14.41
C LEU B 228 23.68 -24.81 -15.08
N GLU B 229 24.87 -25.00 -15.62
CA GLU B 229 25.26 -26.24 -16.33
C GLU B 229 25.51 -27.35 -15.32
N ASN B 230 25.90 -27.03 -14.09
CA ASN B 230 26.30 -28.04 -13.07
C ASN B 230 25.40 -27.87 -11.85
N TRP B 231 24.13 -27.51 -12.06
CA TRP B 231 23.18 -27.26 -10.95
C TRP B 231 23.22 -28.42 -9.93
N GLU B 232 23.08 -29.66 -10.40
CA GLU B 232 22.96 -30.88 -9.55
C GLU B 232 24.20 -31.04 -8.64
N LYS B 233 25.34 -30.48 -9.03
CA LYS B 233 26.64 -30.67 -8.32
C LYS B 233 26.75 -29.62 -7.21
N HIS B 234 26.30 -28.39 -7.47
CA HIS B 234 26.28 -27.27 -6.48
C HIS B 234 25.16 -27.44 -5.45
N TYR B 235 24.00 -27.92 -5.89
CA TYR B 235 22.72 -27.85 -5.13
C TYR B 235 21.93 -29.14 -5.42
N PRO B 236 22.44 -30.31 -4.99
CA PRO B 236 21.77 -31.58 -5.25
C PRO B 236 20.33 -31.69 -4.69
N ASN B 237 19.99 -30.90 -3.66
CA ASN B 237 18.68 -31.07 -2.96
C ASN B 237 17.69 -29.95 -3.31
N LEU B 238 18.05 -29.03 -4.22
CA LEU B 238 17.23 -27.87 -4.66
C LEU B 238 16.73 -28.09 -6.09
N PRO B 239 15.49 -27.67 -6.39
CA PRO B 239 14.99 -27.68 -7.76
C PRO B 239 15.79 -26.68 -8.61
N LYS B 240 15.65 -26.77 -9.92
CA LYS B 240 16.31 -25.86 -10.88
C LYS B 240 15.70 -24.49 -10.65
N PRO B 241 16.44 -23.39 -10.81
CA PRO B 241 15.90 -22.09 -10.50
C PRO B 241 14.66 -21.81 -11.35
N LYS B 242 13.74 -21.07 -10.74
CA LYS B 242 12.48 -20.58 -11.32
C LYS B 242 12.69 -19.17 -11.88
N ALA B 243 13.55 -18.35 -11.25
CA ALA B 243 13.70 -16.93 -11.65
C ALA B 243 15.09 -16.39 -11.32
N LEU B 244 15.43 -15.24 -11.91
CA LEU B 244 16.63 -14.44 -11.58
C LEU B 244 16.17 -13.02 -11.26
N TYR B 245 16.61 -12.51 -10.11
CA TYR B 245 16.42 -11.10 -9.68
C TYR B 245 17.74 -10.39 -9.95
N THR B 246 17.76 -9.45 -10.88
CA THR B 246 18.97 -8.68 -11.25
C THR B 246 18.65 -7.18 -11.27
N ILE B 247 19.47 -6.41 -10.58
CA ILE B 247 19.51 -4.93 -10.63
C ILE B 247 20.57 -4.61 -11.70
N ALA B 248 20.21 -4.70 -12.97
CA ALA B 248 21.15 -4.92 -14.09
C ALA B 248 21.94 -3.64 -14.31
N THR B 249 21.27 -2.50 -14.18
CA THR B 249 21.90 -1.15 -14.32
C THR B 249 22.07 -0.54 -12.92
N GLY B 250 23.27 0.00 -12.62
CA GLY B 250 23.57 0.61 -11.30
C GLY B 250 23.25 -0.36 -10.17
N GLN B 251 23.73 -1.59 -10.30
CA GLN B 251 23.52 -2.71 -9.34
C GLN B 251 23.63 -2.15 -7.92
N ASN B 252 22.65 -2.45 -7.06
CA ASN B 252 22.73 -2.14 -5.61
C ASN B 252 23.20 -3.37 -4.87
N PRO B 253 24.41 -3.40 -4.24
CA PRO B 253 25.23 -2.21 -4.02
C PRO B 253 26.33 -1.82 -5.00
N THR B 254 26.76 -2.70 -5.90
CA THR B 254 28.12 -2.66 -6.51
C THR B 254 28.28 -1.51 -7.51
N GLY B 255 27.19 -0.98 -8.05
CA GLY B 255 27.19 0.10 -9.06
C GLY B 255 27.41 -0.39 -10.48
N PHE B 256 27.60 -1.70 -10.71
CA PHE B 256 27.87 -2.26 -12.07
C PHE B 256 26.63 -2.17 -12.96
N THR B 257 26.87 -2.13 -14.26
CA THR B 257 25.84 -2.03 -15.32
C THR B 257 26.14 -3.06 -16.40
N GLN B 258 25.17 -3.94 -16.66
CA GLN B 258 25.29 -5.02 -17.67
C GLN B 258 25.22 -4.36 -19.05
N SER B 259 26.19 -4.67 -19.90
CA SER B 259 26.21 -4.31 -21.34
C SER B 259 25.00 -4.92 -22.06
N LEU B 260 24.63 -4.38 -23.21
CA LEU B 260 23.60 -4.98 -24.08
C LEU B 260 24.01 -6.43 -24.39
N GLU B 261 25.27 -6.70 -24.73
CA GLU B 261 25.66 -8.06 -25.19
C GLU B 261 25.61 -9.04 -23.99
N PHE B 262 25.95 -8.58 -22.79
CA PHE B 262 25.82 -9.36 -21.53
C PHE B 262 24.35 -9.72 -21.29
N ARG B 263 23.44 -8.76 -21.44
CA ARG B 263 21.98 -9.00 -21.27
C ARG B 263 21.47 -10.03 -22.28
N LYS B 264 21.97 -10.03 -23.52
CA LYS B 264 21.51 -11.02 -24.53
C LYS B 264 21.88 -12.40 -24.04
N LYS B 265 23.07 -12.56 -23.45
CA LYS B 265 23.53 -13.89 -22.98
C LYS B 265 22.70 -14.35 -21.77
N ILE B 266 22.39 -13.46 -20.82
CA ILE B 266 21.54 -13.77 -19.64
C ILE B 266 20.15 -14.18 -20.15
N TYR B 267 19.58 -13.43 -21.10
CA TYR B 267 18.23 -13.71 -21.66
C TYR B 267 18.23 -15.10 -22.31
N ASP B 268 19.27 -15.38 -23.10
CA ASP B 268 19.41 -16.66 -23.84
C ASP B 268 19.47 -17.80 -22.82
N LEU B 269 20.16 -17.59 -21.70
CA LEU B 269 20.20 -18.60 -20.60
C LEU B 269 18.83 -18.69 -19.93
N ALA B 270 18.09 -17.59 -19.86
CA ALA B 270 16.72 -17.57 -19.27
C ALA B 270 15.79 -18.45 -20.12
N VAL B 271 15.97 -18.44 -21.46
CA VAL B 271 15.18 -19.27 -22.41
C VAL B 271 15.61 -20.75 -22.26
N LYS B 272 16.92 -21.01 -22.25
CA LYS B 272 17.48 -22.38 -22.29
C LYS B 272 17.16 -23.15 -21.01
N TYR B 273 17.21 -22.48 -19.86
CA TYR B 273 16.94 -23.07 -18.52
C TYR B 273 15.54 -22.66 -18.03
N ASP B 274 14.77 -21.98 -18.88
CA ASP B 274 13.34 -21.63 -18.65
C ASP B 274 13.19 -21.07 -17.24
N PHE B 275 13.80 -19.90 -16.97
CA PHE B 275 13.51 -19.13 -15.75
C PHE B 275 13.03 -17.73 -16.14
N ALA B 276 12.31 -17.09 -15.21
CA ALA B 276 11.82 -15.70 -15.31
C ALA B 276 12.95 -14.73 -14.93
N ILE B 277 12.86 -13.52 -15.46
CA ILE B 277 13.74 -12.39 -15.08
C ILE B 277 12.90 -11.34 -14.37
N ILE B 278 13.23 -11.06 -13.11
CA ILE B 278 12.76 -9.84 -12.39
C ILE B 278 13.88 -8.79 -12.56
N GLU B 279 13.58 -7.74 -13.31
CA GLU B 279 14.48 -6.60 -13.58
C GLU B 279 14.06 -5.46 -12.67
N ASP B 280 14.96 -5.03 -11.80
CA ASP B 280 14.72 -3.88 -10.90
C ASP B 280 15.57 -2.74 -11.48
N ASP B 281 14.98 -1.57 -11.76
CA ASP B 281 15.69 -0.42 -12.34
C ASP B 281 15.18 0.88 -11.72
N PRO B 282 15.49 1.16 -10.44
CA PRO B 282 15.13 2.43 -9.82
C PRO B 282 15.89 3.69 -10.27
N TYR B 283 17.08 3.58 -10.85
CA TYR B 283 17.89 4.79 -11.25
C TYR B 283 18.74 4.53 -12.50
N GLY B 284 18.34 3.59 -13.36
CA GLY B 284 19.02 3.28 -14.63
C GLY B 284 18.90 4.44 -15.60
N TYR B 285 18.01 5.40 -15.32
CA TYR B 285 17.85 6.60 -16.17
C TYR B 285 18.96 7.59 -15.82
N LEU B 286 19.54 7.48 -14.61
CA LEU B 286 20.66 8.37 -14.16
C LEU B 286 21.98 7.79 -14.67
N THR B 287 22.23 7.93 -15.98
CA THR B 287 23.44 7.40 -16.66
C THR B 287 24.57 8.39 -16.35
N LEU B 288 25.77 7.88 -16.04
CA LEU B 288 26.91 8.72 -15.58
C LEU B 288 28.08 8.51 -16.53
N PRO B 289 28.62 9.57 -17.17
CA PRO B 289 29.83 9.44 -17.97
C PRO B 289 31.01 9.03 -17.09
N LYS B 290 32.00 8.34 -17.68
CA LYS B 290 33.17 7.82 -16.91
C LYS B 290 33.94 9.00 -16.31
N TYR B 291 34.55 8.76 -15.15
CA TYR B 291 35.21 9.81 -14.35
C TYR B 291 36.17 10.64 -15.21
N GLU B 292 36.08 11.97 -15.07
CA GLU B 292 37.17 12.90 -15.42
C GLU B 292 37.30 13.95 -14.29
N LYS B 293 38.51 14.45 -14.01
CA LYS B 293 38.78 15.50 -12.99
C LYS B 293 37.66 16.54 -13.04
N PRO B 294 36.99 16.86 -11.90
CA PRO B 294 36.12 18.05 -11.83
C PRO B 294 36.90 19.37 -11.95
N ASN B 295 36.18 20.46 -12.27
CA ASN B 295 36.71 21.86 -12.38
C ASN B 295 37.50 22.25 -11.13
N ASP B 309 24.40 19.50 -21.80
CA ASP B 309 23.48 19.83 -22.93
C ASP B 309 23.26 18.57 -23.79
N LEU B 310 23.01 17.43 -23.13
CA LEU B 310 22.62 16.12 -23.75
C LEU B 310 21.16 16.22 -24.23
N GLU B 311 20.87 15.90 -25.49
CA GLU B 311 19.50 15.99 -26.08
C GLU B 311 18.85 14.61 -25.90
N ILE B 312 17.52 14.53 -25.95
CA ILE B 312 16.74 13.30 -25.64
C ILE B 312 17.16 12.15 -26.59
N ASP B 313 17.12 12.38 -27.89
CA ASP B 313 17.38 11.34 -28.93
C ASP B 313 18.72 10.68 -28.67
N ASP B 314 19.74 11.50 -28.36
CA ASP B 314 21.14 11.03 -28.18
C ASP B 314 21.18 10.21 -26.88
N TYR B 315 20.53 10.71 -25.82
CA TYR B 315 20.37 10.00 -24.53
C TYR B 315 19.74 8.62 -24.77
N LEU B 316 18.57 8.59 -25.39
CA LEU B 316 17.79 7.33 -25.55
C LEU B 316 18.65 6.35 -26.34
N LYS B 317 19.37 6.84 -27.35
CA LYS B 317 20.02 5.97 -28.36
C LYS B 317 21.37 5.47 -27.84
N ASN B 318 22.18 6.34 -27.22
CA ASN B 318 23.61 6.03 -26.96
C ASN B 318 23.89 5.93 -25.46
N HIS B 319 23.10 6.56 -24.58
CA HIS B 319 23.42 6.58 -23.12
C HIS B 319 22.66 5.47 -22.39
N LEU B 320 21.34 5.43 -22.57
CA LEU B 320 20.43 4.47 -21.91
C LEU B 320 20.81 3.05 -22.31
N THR B 321 21.10 2.16 -21.36
CA THR B 321 21.33 0.74 -21.67
C THR B 321 19.97 0.05 -21.78
N PRO B 322 19.69 -0.74 -22.85
CA PRO B 322 18.43 -1.44 -23.01
C PRO B 322 18.00 -2.30 -21.82
N SER B 323 16.69 -2.30 -21.56
CA SER B 323 15.97 -3.18 -20.59
C SER B 323 15.91 -4.58 -21.17
N TYR B 324 15.89 -5.58 -20.29
CA TYR B 324 15.49 -6.98 -20.60
C TYR B 324 14.14 -7.03 -21.34
N LEU B 325 13.26 -6.04 -21.17
CA LEU B 325 11.97 -5.97 -21.90
C LEU B 325 12.24 -5.95 -23.41
N GLU B 326 13.35 -5.32 -23.80
CA GLU B 326 13.68 -5.04 -25.21
C GLU B 326 14.14 -6.35 -25.86
N LEU B 327 14.55 -7.34 -25.08
CA LEU B 327 14.97 -8.68 -25.55
C LEU B 327 13.82 -9.66 -25.51
N ASP B 328 12.86 -9.42 -24.63
CA ASP B 328 11.75 -10.36 -24.27
C ASP B 328 10.77 -10.40 -25.44
N THR B 329 10.45 -11.62 -25.89
CA THR B 329 9.43 -11.91 -26.93
C THR B 329 8.21 -12.61 -26.34
N THR B 330 8.27 -13.16 -25.10
CA THR B 330 7.25 -14.09 -24.55
C THR B 330 6.65 -13.60 -23.23
N GLY B 331 7.20 -12.56 -22.61
CA GLY B 331 6.69 -12.04 -21.31
C GLY B 331 7.35 -12.75 -20.14
N ARG B 332 8.59 -13.20 -20.31
CA ARG B 332 9.35 -13.91 -19.26
C ARG B 332 10.04 -12.89 -18.34
N VAL B 333 10.06 -11.62 -18.77
CA VAL B 333 10.60 -10.46 -18.01
C VAL B 333 9.46 -9.70 -17.33
N LEU B 334 9.68 -9.36 -16.06
CA LEU B 334 8.85 -8.37 -15.34
C LEU B 334 9.77 -7.21 -14.94
N ARG B 335 9.50 -6.01 -15.44
CA ARG B 335 10.33 -4.81 -15.10
C ARG B 335 9.70 -4.07 -13.91
N VAL B 336 10.49 -3.82 -12.87
CA VAL B 336 10.05 -2.98 -11.72
C VAL B 336 10.58 -1.54 -11.85
N GLU B 337 9.68 -0.58 -11.83
CA GLU B 337 10.01 0.87 -11.80
C GLU B 337 9.49 1.49 -10.50
N THR B 338 10.04 2.66 -10.13
CA THR B 338 9.60 3.49 -8.98
C THR B 338 9.75 4.98 -9.33
N PHE B 339 8.99 5.83 -8.63
CA PHE B 339 9.13 7.31 -8.67
C PHE B 339 9.98 7.74 -7.48
N SER B 340 10.48 6.78 -6.69
CA SER B 340 11.20 7.07 -5.42
C SER B 340 12.46 7.90 -5.70
N LYS B 341 13.26 7.48 -6.69
CA LYS B 341 14.62 8.02 -6.83
C LYS B 341 14.63 9.12 -7.90
N LEU B 342 13.58 9.22 -8.73
CA LEU B 342 13.47 10.25 -9.75
C LEU B 342 12.51 11.38 -9.34
N PHE B 343 11.57 11.13 -8.41
CA PHE B 343 10.58 12.14 -7.95
C PHE B 343 10.72 12.29 -6.43
N ALA B 344 10.26 11.33 -5.63
CA ALA B 344 10.51 11.30 -4.16
C ALA B 344 10.12 9.97 -3.52
N PRO B 345 10.88 9.44 -2.54
CA PRO B 345 10.50 8.19 -1.89
C PRO B 345 9.14 8.23 -1.16
N GLY B 346 8.79 9.39 -0.60
CA GLY B 346 7.58 9.61 0.21
C GLY B 346 6.31 9.45 -0.61
N LEU B 347 6.40 9.39 -1.94
CA LEU B 347 5.19 9.17 -2.77
C LEU B 347 4.63 7.79 -2.43
N ARG B 348 5.53 6.80 -2.30
CA ARG B 348 5.18 5.36 -2.29
C ARG B 348 4.39 5.05 -3.58
N LEU B 349 5.02 5.25 -4.73
CA LEU B 349 4.42 5.13 -6.07
C LEU B 349 5.46 4.61 -7.05
N GLY B 350 5.06 3.63 -7.86
CA GLY B 350 5.87 3.10 -8.95
C GLY B 350 5.00 2.39 -9.95
N PHE B 351 5.59 1.55 -10.80
CA PHE B 351 4.81 0.65 -11.67
C PHE B 351 5.64 -0.58 -12.02
N ILE B 352 4.96 -1.61 -12.48
CA ILE B 352 5.60 -2.79 -13.10
C ILE B 352 5.14 -2.86 -14.56
N VAL B 353 5.97 -3.50 -15.38
CA VAL B 353 5.72 -3.77 -16.81
C VAL B 353 5.94 -5.27 -16.95
N GLY B 354 4.96 -5.97 -17.55
CA GLY B 354 5.01 -7.41 -17.78
C GLY B 354 3.89 -7.87 -18.69
N HIS B 355 3.85 -9.18 -18.96
CA HIS B 355 2.78 -9.81 -19.78
C HIS B 355 1.42 -9.53 -19.14
N LYS B 356 0.42 -9.23 -19.97
CA LYS B 356 -1.01 -9.15 -19.61
C LYS B 356 -1.35 -10.17 -18.52
N GLU B 357 -0.95 -11.43 -18.71
CA GLU B 357 -1.42 -12.55 -17.86
C GLU B 357 -0.68 -12.42 -16.52
N VAL B 358 0.57 -11.96 -16.55
CA VAL B 358 1.35 -11.70 -15.30
C VAL B 358 0.68 -10.53 -14.55
N ILE B 359 0.35 -9.43 -15.23
CA ILE B 359 -0.34 -8.26 -14.61
C ILE B 359 -1.66 -8.70 -13.98
N ASP B 360 -2.42 -9.60 -14.62
CA ASP B 360 -3.77 -9.98 -14.12
C ASP B 360 -3.62 -10.70 -12.78
N ALA B 361 -2.62 -11.56 -12.67
CA ALA B 361 -2.33 -12.33 -11.45
C ALA B 361 -1.84 -11.36 -10.37
N VAL B 362 -1.00 -10.39 -10.71
CA VAL B 362 -0.57 -9.33 -9.74
C VAL B 362 -1.81 -8.57 -9.22
N LYS B 363 -2.75 -8.28 -10.11
CA LYS B 363 -3.99 -7.57 -9.74
C LYS B 363 -4.71 -8.35 -8.63
N ASN B 364 -4.87 -9.66 -8.79
CA ASN B 364 -5.64 -10.48 -7.82
C ASN B 364 -4.87 -10.50 -6.49
N TYR B 365 -3.52 -10.49 -6.51
CA TYR B 365 -2.66 -10.42 -5.28
C TYR B 365 -2.87 -9.08 -4.58
N SER B 366 -2.86 -7.98 -5.34
CA SER B 366 -2.99 -6.61 -4.79
C SER B 366 -4.32 -6.50 -4.05
N ASP B 367 -5.35 -7.13 -4.61
CA ASP B 367 -6.72 -7.14 -4.03
C ASP B 367 -6.68 -7.74 -2.62
N VAL B 368 -5.69 -8.57 -2.29
CA VAL B 368 -5.56 -9.15 -0.93
C VAL B 368 -4.74 -8.23 -0.01
N VAL B 369 -3.51 -7.89 -0.40
CA VAL B 369 -2.47 -7.40 0.53
C VAL B 369 -2.14 -5.91 0.33
N ASN B 370 -2.49 -5.29 -0.80
CA ASN B 370 -2.18 -3.85 -1.05
C ASN B 370 -3.20 -3.29 -2.04
N ARG B 371 -4.34 -2.81 -1.54
CA ARG B 371 -5.53 -2.45 -2.37
C ARG B 371 -5.42 -1.01 -2.92
N GLY B 372 -4.34 -0.74 -3.64
CA GLY B 372 -4.20 0.50 -4.43
C GLY B 372 -3.16 1.44 -3.86
N ALA B 373 -2.38 2.01 -4.77
CA ALA B 373 -1.59 3.24 -4.51
C ALA B 373 -2.54 4.38 -4.19
N SER B 374 -2.16 5.24 -3.25
CA SER B 374 -2.92 6.47 -2.88
C SER B 374 -3.39 7.22 -4.14
N GLY B 375 -4.69 7.35 -4.34
CA GLY B 375 -5.26 8.11 -5.46
C GLY B 375 -4.84 9.56 -5.41
N LEU B 376 -4.74 10.14 -4.22
CA LEU B 376 -4.37 11.57 -4.06
C LEU B 376 -2.96 11.72 -4.62
N THR B 377 -2.09 10.74 -4.39
CA THR B 377 -0.67 10.80 -4.82
C THR B 377 -0.59 10.59 -6.33
N GLN B 378 -1.32 9.59 -6.84
CA GLN B 378 -1.47 9.33 -8.30
C GLN B 378 -1.94 10.63 -8.95
N THR B 379 -2.87 11.33 -8.32
CA THR B 379 -3.48 12.58 -8.84
C THR B 379 -2.37 13.63 -8.92
N ILE B 380 -1.69 13.91 -7.80
CA ILE B 380 -0.63 14.95 -7.74
C ILE B 380 0.47 14.58 -8.74
N VAL B 381 0.94 13.34 -8.74
CA VAL B 381 2.13 12.94 -9.55
C VAL B 381 1.75 13.00 -11.03
N ASN B 382 0.57 12.49 -11.39
CA ASN B 382 0.13 12.48 -12.81
C ASN B 382 0.02 13.93 -13.32
N ASN B 383 -0.67 14.79 -12.58
CA ASN B 383 -0.97 16.16 -13.06
C ASN B 383 0.32 16.97 -13.14
N VAL B 384 1.27 16.74 -12.24
CA VAL B 384 2.56 17.48 -12.24
C VAL B 384 3.29 17.08 -13.53
N ILE B 385 3.32 15.79 -13.87
CA ILE B 385 4.07 15.25 -15.05
C ILE B 385 3.40 15.72 -16.33
N GLN B 386 2.07 15.68 -16.42
CA GLN B 386 1.29 16.01 -17.65
C GLN B 386 1.23 17.54 -17.83
N GLU B 387 0.99 18.32 -16.78
CA GLU B 387 0.77 19.79 -16.94
C GLU B 387 2.08 20.59 -16.87
N ASN B 388 2.90 20.37 -15.86
CA ASN B 388 4.15 21.15 -15.68
C ASN B 388 5.22 20.62 -16.64
N PHE B 389 5.42 19.29 -16.69
CA PHE B 389 6.52 18.66 -17.46
C PHE B 389 6.05 18.25 -18.87
N LYS B 390 4.75 18.43 -19.18
CA LYS B 390 4.12 18.23 -20.52
C LYS B 390 4.32 16.79 -21.02
N GLY B 391 4.33 15.81 -20.12
CA GLY B 391 4.36 14.38 -20.46
C GLY B 391 5.77 13.82 -20.55
N VAL B 392 5.97 12.86 -21.44
CA VAL B 392 7.13 11.94 -21.43
C VAL B 392 8.42 12.75 -21.65
N ASP B 393 8.50 13.52 -22.73
CA ASP B 393 9.78 14.13 -23.15
C ASP B 393 10.15 15.15 -22.09
N GLY B 394 9.17 15.93 -21.62
CA GLY B 394 9.42 16.94 -20.58
C GLY B 394 9.91 16.31 -19.30
N TRP B 395 9.42 15.12 -18.97
CA TRP B 395 9.79 14.37 -17.74
C TRP B 395 11.20 13.83 -17.94
N LEU B 396 11.52 13.34 -19.14
CA LEU B 396 12.91 12.97 -19.53
C LEU B 396 13.85 14.17 -19.34
N GLU B 397 13.43 15.39 -19.73
CA GLU B 397 14.26 16.60 -19.60
C GLU B 397 14.51 16.85 -18.10
N TRP B 398 13.53 16.64 -17.24
CA TRP B 398 13.76 16.70 -15.77
C TRP B 398 14.73 15.59 -15.29
N ILE B 399 14.63 14.39 -15.83
CA ILE B 399 15.57 13.28 -15.50
C ILE B 399 17.00 13.67 -15.93
N LEU B 400 17.16 14.33 -17.08
CA LEU B 400 18.49 14.77 -17.57
C LEU B 400 19.08 15.86 -16.67
N LYS B 401 18.27 16.77 -16.13
CA LYS B 401 18.77 17.78 -15.14
C LYS B 401 19.31 17.05 -13.91
N MET B 402 18.56 16.05 -13.42
CA MET B 402 18.97 15.25 -12.24
C MET B 402 20.26 14.49 -12.56
N ARG B 403 20.37 13.96 -13.79
CA ARG B 403 21.56 13.23 -14.29
C ARG B 403 22.83 14.06 -14.06
N LEU B 404 22.77 15.35 -14.43
CA LEU B 404 23.91 16.30 -14.39
C LEU B 404 24.38 16.46 -12.95
N ASN B 405 23.44 16.64 -12.02
CA ASN B 405 23.75 16.76 -10.57
C ASN B 405 24.50 15.50 -10.10
N TYR B 406 23.89 14.33 -10.35
CA TYR B 406 24.40 13.00 -9.95
C TYR B 406 25.78 12.78 -10.57
N SER B 407 25.93 13.15 -11.84
CA SER B 407 27.21 13.03 -12.58
C SER B 407 28.26 13.86 -11.86
N TYR B 408 27.97 15.12 -11.53
CA TYR B 408 28.93 15.99 -10.83
C TYR B 408 29.24 15.36 -9.46
N ARG B 409 28.20 14.93 -8.74
CA ARG B 409 28.33 14.39 -7.35
C ARG B 409 29.24 13.17 -7.39
N LYS B 410 29.01 12.24 -8.33
CA LYS B 410 29.80 10.98 -8.38
C LYS B 410 31.28 11.31 -8.60
N ASP B 411 31.58 12.21 -9.53
CA ASP B 411 32.99 12.55 -9.90
C ASP B 411 33.69 13.25 -8.72
N LEU B 412 32.98 14.15 -8.04
CA LEU B 412 33.49 14.86 -6.85
C LEU B 412 33.93 13.83 -5.79
N LEU B 413 33.03 12.93 -5.39
CA LEU B 413 33.34 11.89 -4.37
C LEU B 413 34.56 11.09 -4.85
N LEU B 414 34.61 10.73 -6.14
CA LEU B 414 35.74 9.96 -6.72
C LEU B 414 37.03 10.80 -6.65
N TYR B 415 36.99 12.11 -6.96
CA TYR B 415 38.13 13.03 -6.81
C TYR B 415 38.59 13.02 -5.34
N SER B 416 37.67 13.28 -4.40
CA SER B 416 37.99 13.33 -2.95
C SER B 416 38.78 12.09 -2.56
N ILE B 417 38.58 10.97 -3.26
CA ILE B 417 39.20 9.66 -2.90
C ILE B 417 40.55 9.56 -3.61
N PHE B 418 40.60 9.90 -4.90
CA PHE B 418 41.81 9.77 -5.75
C PHE B 418 42.96 10.66 -5.20
N GLU B 419 42.63 11.82 -4.67
CA GLU B 419 43.54 12.81 -4.05
C GLU B 419 44.09 12.31 -2.71
N SER B 420 43.46 11.29 -2.10
CA SER B 420 43.79 10.75 -0.74
C SER B 420 45.09 9.93 -0.78
N GLN B 421 45.78 9.90 0.37
CA GLN B 421 46.97 9.08 0.67
C GLN B 421 46.54 7.59 0.62
N ALA B 422 45.37 7.24 1.18
CA ALA B 422 44.83 5.84 1.20
C ALA B 422 44.73 5.27 -0.24
N TYR B 423 44.32 6.10 -1.19
CA TYR B 423 44.22 5.70 -2.62
C TYR B 423 45.63 5.58 -3.22
N LYS B 424 46.46 6.59 -3.04
CA LYS B 424 47.81 6.66 -3.68
C LYS B 424 48.69 5.52 -3.15
N LYS B 425 48.49 5.09 -1.92
CA LYS B 425 49.26 3.96 -1.33
C LYS B 425 48.63 2.61 -1.74
N GLY B 426 47.44 2.62 -2.35
CA GLY B 426 46.76 1.37 -2.78
C GLY B 426 45.98 0.67 -1.67
N TYR B 427 45.64 1.36 -0.58
CA TYR B 427 44.84 0.76 0.53
C TYR B 427 43.37 0.65 0.09
N VAL B 428 42.93 1.59 -0.75
CA VAL B 428 41.52 1.65 -1.20
C VAL B 428 41.51 1.80 -2.72
N ASP B 429 40.42 1.36 -3.34
CA ASP B 429 40.15 1.58 -4.78
C ASP B 429 38.66 1.84 -4.88
N VAL B 430 38.21 2.26 -6.06
CA VAL B 430 36.81 2.61 -6.36
C VAL B 430 36.47 2.00 -7.72
N ILE B 431 35.32 1.35 -7.82
CA ILE B 431 34.64 1.11 -9.11
C ILE B 431 33.95 2.41 -9.54
N ASP B 432 34.21 2.86 -10.76
CA ASP B 432 33.47 3.94 -11.47
C ASP B 432 32.10 3.41 -11.89
N PRO B 433 30.99 3.81 -11.20
CA PRO B 433 29.64 3.40 -11.60
C PRO B 433 29.19 4.09 -12.89
N LYS B 434 28.44 3.36 -13.73
CA LYS B 434 27.93 3.83 -15.04
C LYS B 434 26.54 4.40 -14.87
N ALA B 435 25.91 4.21 -13.70
CA ALA B 435 24.58 4.78 -13.44
C ALA B 435 24.28 4.79 -11.95
N GLY B 436 23.36 5.68 -11.55
CA GLY B 436 22.70 5.67 -10.23
C GLY B 436 23.40 6.50 -9.18
N MET B 437 23.40 6.01 -7.93
CA MET B 437 23.76 6.80 -6.74
C MET B 437 24.77 6.08 -5.84
N PHE B 438 25.30 4.91 -6.25
CA PHE B 438 26.16 4.05 -5.38
C PHE B 438 27.58 3.89 -5.97
N VAL B 439 28.57 3.89 -5.08
CA VAL B 439 30.01 3.59 -5.37
C VAL B 439 30.46 2.40 -4.54
N THR B 440 31.02 1.38 -5.18
CA THR B 440 31.81 0.34 -4.49
C THR B 440 33.19 0.91 -4.12
N PHE B 441 33.47 0.91 -2.82
CA PHE B 441 34.73 1.40 -2.21
C PHE B 441 35.44 0.18 -1.64
N LYS B 442 36.46 -0.28 -2.36
CA LYS B 442 37.23 -1.50 -2.04
C LYS B 442 38.30 -1.18 -1.00
N ILE B 443 38.48 -2.11 -0.08
CA ILE B 443 39.54 -2.10 0.96
C ILE B 443 40.50 -3.24 0.61
N ASN B 444 41.72 -2.90 0.21
CA ASN B 444 42.80 -3.86 -0.17
C ASN B 444 43.41 -4.43 1.12
N LEU B 445 42.62 -5.19 1.88
CA LEU B 445 43.17 -5.97 3.03
C LEU B 445 44.14 -7.00 2.47
N PRO B 446 45.22 -7.36 3.20
CA PRO B 446 46.00 -8.56 2.87
C PRO B 446 45.07 -9.77 2.71
N LYS B 447 45.39 -10.61 1.72
CA LYS B 447 44.57 -11.80 1.35
C LYS B 447 44.30 -12.67 2.58
N ASP B 448 45.25 -12.79 3.50
CA ASP B 448 45.23 -13.83 4.56
C ASP B 448 44.60 -13.32 5.87
N VAL B 449 44.10 -12.07 5.93
CA VAL B 449 43.42 -11.54 7.15
C VAL B 449 41.94 -11.95 7.05
N ASP B 450 41.31 -12.12 8.21
CA ASP B 450 39.85 -12.37 8.37
C ASP B 450 39.11 -11.13 7.83
N VAL B 451 38.41 -11.30 6.71
CA VAL B 451 37.72 -10.17 5.99
C VAL B 451 36.64 -9.53 6.88
N LEU B 452 35.66 -10.34 7.33
CA LEU B 452 34.55 -9.87 8.20
C LEU B 452 35.10 -9.18 9.44
N GLN B 453 36.06 -9.81 10.11
CA GLN B 453 36.59 -9.28 11.39
C GLN B 453 37.24 -7.91 11.15
N LYS B 454 38.09 -7.75 10.13
CA LYS B 454 38.83 -6.48 9.90
C LYS B 454 37.88 -5.41 9.35
N MET B 455 36.92 -5.82 8.53
CA MET B 455 35.95 -4.87 7.94
C MET B 455 35.09 -4.30 9.09
N LYS B 456 34.71 -5.11 10.08
CA LYS B 456 33.91 -4.63 11.25
C LYS B 456 34.75 -3.65 12.09
N LEU B 457 36.01 -3.96 12.32
CA LEU B 457 36.95 -3.11 13.07
C LEU B 457 37.12 -1.78 12.33
N LEU B 458 37.25 -1.83 10.99
CA LEU B 458 37.39 -0.63 10.13
C LEU B 458 36.09 0.19 10.18
N LEU B 459 34.94 -0.48 10.26
CA LEU B 459 33.64 0.24 10.32
C LEU B 459 33.61 1.10 11.59
N TRP B 460 33.96 0.53 12.75
CA TRP B 460 34.05 1.31 14.03
C TRP B 460 34.94 2.55 13.80
N LYS B 461 36.08 2.39 13.12
CA LYS B 461 37.03 3.51 12.83
C LYS B 461 36.36 4.63 12.00
N LEU B 462 35.63 4.27 10.95
CA LEU B 462 34.89 5.25 10.10
C LEU B 462 33.90 6.01 10.99
N ILE B 463 33.11 5.27 11.80
CA ILE B 463 32.09 5.88 12.71
C ILE B 463 32.80 6.89 13.63
N SER B 464 33.93 6.51 14.23
CA SER B 464 34.77 7.41 15.09
C SER B 464 35.30 8.60 14.28
N TYR B 465 35.57 8.45 12.98
CA TYR B 465 36.01 9.57 12.10
C TYR B 465 34.84 10.40 11.55
N GLY B 466 33.59 9.99 11.80
CA GLY B 466 32.37 10.77 11.48
C GLY B 466 31.93 10.60 10.04
N ILE B 467 32.06 9.40 9.51
CA ILE B 467 31.56 9.05 8.15
C ILE B 467 30.80 7.72 8.26
N LEU B 468 29.50 7.77 7.94
CA LEU B 468 28.63 6.57 7.94
C LEU B 468 28.60 5.94 6.54
N VAL B 469 28.80 4.62 6.46
CA VAL B 469 28.74 3.81 5.21
C VAL B 469 28.06 2.48 5.52
N VAL B 470 27.81 1.68 4.47
CA VAL B 470 27.19 0.33 4.56
C VAL B 470 28.27 -0.66 4.17
N PRO B 471 28.67 -1.60 5.06
CA PRO B 471 29.57 -2.69 4.70
C PRO B 471 28.85 -3.70 3.79
N GLY B 472 29.58 -4.26 2.83
CA GLY B 472 29.05 -5.21 1.84
C GLY B 472 28.52 -6.47 2.50
N TYR B 473 29.07 -6.87 3.65
CA TYR B 473 28.64 -8.10 4.36
C TYR B 473 27.18 -7.92 4.84
N ASN B 474 26.68 -6.70 5.00
CA ASN B 474 25.25 -6.47 5.35
C ASN B 474 24.32 -6.67 4.13
N MET B 475 24.85 -6.85 2.91
CA MET B 475 23.94 -6.82 1.73
C MET B 475 24.07 -8.13 0.94
N THR B 476 24.27 -9.22 1.67
CA THR B 476 24.58 -10.56 1.11
C THR B 476 23.31 -11.41 1.12
N VAL B 477 23.19 -12.31 0.15
CA VAL B 477 22.22 -13.44 0.21
C VAL B 477 22.72 -14.43 1.26
N ASP B 478 24.02 -14.74 1.23
CA ASP B 478 24.68 -15.73 2.12
C ASP B 478 26.07 -15.21 2.47
N LEU B 479 26.29 -14.94 3.75
CA LEU B 479 27.50 -14.31 4.28
C LEU B 479 28.71 -15.23 4.05
N GLU B 480 28.62 -16.51 4.39
CA GLU B 480 29.75 -17.47 4.24
C GLU B 480 30.16 -17.49 2.76
N PHE B 481 29.16 -17.58 1.88
CA PHE B 481 29.42 -17.67 0.43
C PHE B 481 30.25 -16.47 -0.04
N SER B 482 29.89 -15.26 0.39
CA SER B 482 30.38 -13.97 -0.18
C SER B 482 31.50 -13.33 0.67
N LYS B 483 31.86 -13.92 1.79
CA LYS B 483 32.89 -13.49 2.76
C LYS B 483 34.08 -12.85 2.04
N ASP B 484 34.69 -13.60 1.11
CA ASP B 484 35.99 -13.23 0.48
C ASP B 484 35.84 -12.00 -0.43
N ARG B 485 34.63 -11.63 -0.87
CA ARG B 485 34.40 -10.44 -1.74
C ARG B 485 33.70 -9.32 -0.94
N SER B 486 33.64 -9.46 0.38
CA SER B 486 32.90 -8.55 1.29
C SER B 486 33.78 -7.38 1.71
N ASN B 487 34.99 -7.31 1.16
CA ASN B 487 36.00 -6.26 1.53
C ASN B 487 35.65 -4.93 0.84
N PHE B 488 34.45 -4.40 1.06
CA PHE B 488 34.09 -3.09 0.45
C PHE B 488 33.02 -2.42 1.29
N PHE B 489 32.96 -1.09 1.19
CA PHE B 489 31.82 -0.28 1.66
C PHE B 489 31.08 0.26 0.43
N ARG B 490 29.74 0.31 0.52
CA ARG B 490 28.90 1.00 -0.47
C ARG B 490 28.82 2.45 -0.01
N LEU B 491 29.03 3.36 -0.95
CA LEU B 491 28.95 4.83 -0.71
C LEU B 491 27.78 5.36 -1.51
N CYS B 492 26.99 6.24 -0.90
CA CYS B 492 25.89 6.95 -1.58
C CYS B 492 26.10 8.48 -1.47
N TYR B 493 26.14 9.15 -2.63
CA TYR B 493 26.36 10.61 -2.79
C TYR B 493 25.03 11.32 -3.11
N ALA B 494 23.91 10.67 -2.81
CA ALA B 494 22.56 11.20 -3.09
C ALA B 494 22.11 12.08 -1.92
N LEU B 495 22.58 11.82 -0.70
CA LEU B 495 22.00 12.41 0.53
C LEU B 495 22.63 13.79 0.79
N ALA B 496 23.91 13.97 0.52
CA ALA B 496 24.66 15.19 0.89
C ALA B 496 23.89 16.44 0.45
N ASN B 497 23.96 17.52 1.23
CA ASN B 497 23.30 18.84 0.97
C ASN B 497 24.10 19.67 -0.06
N ASN B 498 25.41 19.46 -0.14
CA ASN B 498 26.33 20.32 -0.94
C ASN B 498 27.66 19.61 -1.20
N ASP B 499 28.43 20.19 -2.13
CA ASP B 499 29.78 19.76 -2.55
C ASP B 499 30.72 19.69 -1.34
N GLU B 500 30.61 20.63 -0.40
CA GLU B 500 31.48 20.67 0.80
C GLU B 500 31.30 19.35 1.59
N GLU B 501 30.06 18.88 1.76
CA GLU B 501 29.79 17.63 2.51
C GLU B 501 30.36 16.44 1.74
N ILE B 502 30.34 16.48 0.41
CA ILE B 502 30.86 15.34 -0.40
C ILE B 502 32.38 15.27 -0.27
N LEU B 503 33.06 16.42 -0.41
CA LEU B 503 34.54 16.45 -0.31
C LEU B 503 34.93 15.99 1.08
N GLU B 504 34.21 16.44 2.11
CA GLU B 504 34.54 16.19 3.53
C GLU B 504 34.25 14.73 3.86
N SER B 505 33.17 14.17 3.29
CA SER B 505 32.79 12.74 3.44
C SER B 505 33.96 11.88 2.94
N GLY B 506 34.45 12.16 1.74
CA GLY B 506 35.51 11.35 1.11
C GLY B 506 36.81 11.47 1.87
N LYS B 507 37.08 12.67 2.42
CA LYS B 507 38.27 12.92 3.28
C LYS B 507 38.17 12.10 4.59
N ARG B 508 37.06 12.16 5.31
CA ARG B 508 36.92 11.39 6.57
C ARG B 508 37.05 9.88 6.27
N LEU B 509 36.47 9.43 5.15
CA LEU B 509 36.46 8.00 4.73
C LEU B 509 37.91 7.54 4.64
N THR B 510 38.69 8.27 3.85
CA THR B 510 40.05 7.91 3.43
C THR B 510 41.04 8.15 4.58
N ASP B 511 40.87 9.20 5.39
CA ASP B 511 41.65 9.46 6.63
C ASP B 511 41.50 8.26 7.58
N ALA B 512 40.27 7.82 7.81
CA ALA B 512 39.97 6.68 8.69
C ALA B 512 40.64 5.39 8.16
N VAL B 513 40.60 5.13 6.84
CA VAL B 513 41.20 3.90 6.26
C VAL B 513 42.72 3.99 6.40
N TYR B 514 43.29 5.15 6.06
CA TYR B 514 44.73 5.47 6.20
C TYR B 514 45.21 5.15 7.62
N GLU B 515 44.54 5.70 8.64
CA GLU B 515 44.95 5.47 10.04
C GLU B 515 44.86 3.98 10.32
N PHE B 516 43.80 3.33 9.85
CA PHE B 516 43.53 1.91 10.20
C PHE B 516 44.68 1.05 9.65
N PHE B 517 45.10 1.31 8.42
CA PHE B 517 46.24 0.63 7.75
C PHE B 517 47.58 0.97 8.45
N SER B 518 47.81 2.25 8.76
CA SER B 518 49.01 2.73 9.50
C SER B 518 49.11 2.02 10.86
N ASN B 519 47.97 1.75 11.51
CA ASN B 519 47.86 1.06 12.82
C ASN B 519 48.10 -0.45 12.69
N GLY B 520 48.41 -0.97 11.50
CA GLY B 520 48.55 -2.42 11.26
C GLY B 520 47.20 -3.15 11.20
N LEU B 521 46.12 -2.45 10.83
CA LEU B 521 44.73 -2.97 10.67
C LEU B 521 44.12 -3.16 12.06
N GLU B 522 44.09 -2.06 12.82
CA GLU B 522 43.73 -2.01 14.25
C GLU B 522 43.09 -0.66 14.48
N PHE B 523 42.10 -0.57 15.39
CA PHE B 523 41.45 0.71 15.75
C PHE B 523 42.46 1.60 16.47
N HIS B 524 43.20 1.00 17.42
CA HIS B 524 44.31 1.59 18.24
C HIS B 524 43.77 2.83 18.97
#